data_2D1I
#
_entry.id   2D1I
#
_cell.length_a   51.278
_cell.length_b   161.321
_cell.length_c   51.271
_cell.angle_alpha   90.00
_cell.angle_beta   119.58
_cell.angle_gamma   90.00
#
_symmetry.space_group_name_H-M   'P 1 21 1'
#
loop_
_entity.id
_entity.type
_entity.pdbx_description
1 polymer 'Cysteine protease APG4B'
2 water water
#
_entity_poly.entity_id   1
_entity_poly.type   'polypeptide(L)'
_entity_poly.pdbx_seq_one_letter_code
;GPLGSMDAATLTYDTLRFAEFEDFPETSEPVWILGRKYSIFTEKDEILSDVASRLWFTYRKNFPAIGGTGPTSDTGWGCM
LRCGQMIFAQALVCRHLGRDWRWTQRKRQPDSYFSVLNAFIDRKDSYYSIHQIAQMGVGEGKSIGQWYGPNTVAQVLKKL
AVFDTWSSLAVHIAMDNTVVMEEIRRLCRTSVPCAGATAFPADSDRHCNGFPAGAEVTNRPSPWRPLVLLIPLRLGLTDI
NEAYVETLKHCFMMPQSLGVIGGKPNSAHYFIGYVGEELIYLDPHTTQPAVEPTDGCFIPDESFHCQHPPCRMSIAELDP
SIAVGFFCKTEDDFNDWCQQVKKLSLLGGALPMFELVEQQPSHLACPDVLNLSLDSSDVERLERFFDSEDEDFEILSL
;
_entity_poly.pdbx_strand_id   A,B
#
# COMPACT_ATOMS: atom_id res chain seq x y z
N THR A 15 23.78 0.76 23.90
CA THR A 15 24.99 0.03 24.41
C THR A 15 26.13 0.10 23.41
N LEU A 16 25.81 0.32 22.12
CA LEU A 16 26.86 0.39 21.11
C LEU A 16 27.76 1.57 21.40
N ARG A 17 27.15 2.63 21.91
CA ARG A 17 27.83 3.89 22.17
C ARG A 17 29.09 3.69 23.01
N PHE A 18 29.00 2.84 24.05
CA PHE A 18 30.15 2.59 24.93
C PHE A 18 30.83 1.23 24.80
N ALA A 19 30.60 0.55 23.67
CA ALA A 19 31.22 -0.74 23.37
C ALA A 19 32.72 -0.55 23.12
N GLU A 20 33.51 -1.60 23.27
CA GLU A 20 34.88 -1.49 22.80
C GLU A 20 35.04 -2.04 21.40
N PHE A 21 35.78 -1.28 20.60
CA PHE A 21 36.00 -1.59 19.18
C PHE A 21 37.48 -1.84 18.98
N GLU A 22 37.79 -2.98 18.36
CA GLU A 22 39.16 -3.29 18.01
C GLU A 22 39.20 -3.45 16.51
N ASP A 23 40.33 -3.07 15.92
CA ASP A 23 40.63 -3.38 14.52
C ASP A 23 40.81 -4.89 14.48
N PHE A 24 41.73 -5.36 15.33
CA PHE A 24 42.08 -6.77 15.53
C PHE A 24 42.00 -7.72 14.30
N PRO A 25 42.65 -7.33 13.18
CA PRO A 25 43.09 -8.36 12.25
C PRO A 25 44.25 -9.05 12.98
N GLU A 26 45.49 -9.12 12.48
CA GLU A 26 45.88 -9.24 11.09
C GLU A 26 46.41 -10.67 11.09
N THR A 27 45.53 -11.65 10.83
CA THR A 27 45.92 -13.05 10.91
C THR A 27 45.63 -13.72 9.58
N SER A 28 46.04 -14.97 9.43
CA SER A 28 45.86 -15.70 8.18
C SER A 28 44.44 -16.23 7.99
N GLU A 29 43.66 -16.24 9.08
CA GLU A 29 42.28 -16.74 9.03
C GLU A 29 41.43 -15.94 8.03
N PRO A 30 40.81 -16.65 7.07
CA PRO A 30 39.86 -16.03 6.15
C PRO A 30 38.74 -15.26 6.86
N VAL A 31 38.43 -14.08 6.31
CA VAL A 31 37.30 -13.27 6.74
C VAL A 31 36.17 -13.56 5.75
N TRP A 32 35.08 -14.07 6.26
CA TRP A 32 33.94 -14.41 5.44
C TRP A 32 32.80 -13.45 5.73
N ILE A 33 32.32 -12.74 4.72
CA ILE A 33 31.12 -11.90 4.86
C ILE A 33 30.11 -12.32 3.83
N LEU A 34 28.98 -12.83 4.30
CA LEU A 34 27.83 -13.17 3.42
C LEU A 34 28.26 -13.85 2.13
N GLY A 35 28.91 -15.00 2.27
CA GLY A 35 29.27 -15.81 1.12
C GLY A 35 30.48 -15.33 0.33
N ARG A 36 31.20 -14.33 0.83
CA ARG A 36 32.46 -13.99 0.16
C ARG A 36 33.67 -13.93 1.07
N LYS A 37 34.78 -14.43 0.52
CA LYS A 37 35.98 -14.71 1.29
C LYS A 37 36.99 -13.62 1.04
N TYR A 38 37.61 -13.15 2.12
CA TYR A 38 38.59 -12.08 2.02
C TYR A 38 39.85 -12.41 2.80
N SER A 39 40.96 -11.79 2.42
CA SER A 39 42.18 -11.83 3.22
C SER A 39 42.34 -10.50 3.93
N ILE A 40 42.56 -10.55 5.24
CA ILE A 40 42.77 -9.34 6.01
C ILE A 40 44.05 -8.59 5.59
N PHE A 41 45.07 -9.34 5.16
CA PHE A 41 46.33 -8.75 4.72
C PHE A 41 46.17 -7.89 3.46
N THR A 42 45.47 -8.45 2.47
CA THR A 42 45.42 -7.83 1.13
C THR A 42 44.06 -7.23 0.72
N GLU A 43 42.99 -7.63 1.41
CA GLU A 43 41.66 -7.13 1.06
C GLU A 43 40.95 -6.41 2.21
N LYS A 44 41.72 -5.65 2.99
CA LYS A 44 41.15 -4.97 4.15
C LYS A 44 40.06 -3.95 3.76
N ASP A 45 40.38 -3.12 2.78
CA ASP A 45 39.43 -2.12 2.27
C ASP A 45 38.15 -2.73 1.69
N GLU A 46 38.31 -3.86 1.00
CA GLU A 46 37.18 -4.55 0.40
C GLU A 46 36.27 -5.10 1.51
N ILE A 47 36.89 -5.56 2.60
CA ILE A 47 36.15 -6.08 3.74
C ILE A 47 35.34 -4.95 4.35
N LEU A 48 36.00 -3.82 4.59
CA LEU A 48 35.37 -2.71 5.29
C LEU A 48 34.28 -2.06 4.44
N SER A 49 34.52 -2.04 3.12
CA SER A 49 33.53 -1.56 2.17
C SER A 49 32.29 -2.45 2.16
N ASP A 50 32.50 -3.76 2.20
CA ASP A 50 31.41 -4.73 2.16
C ASP A 50 30.53 -4.60 3.41
N VAL A 51 31.16 -4.44 4.57
CA VAL A 51 30.42 -4.30 5.82
C VAL A 51 29.66 -2.98 5.87
N ALA A 52 30.33 -1.90 5.47
CA ALA A 52 29.75 -0.57 5.43
C ALA A 52 28.65 -0.43 4.37
N SER A 53 28.73 -1.24 3.32
CA SER A 53 27.71 -1.21 2.27
C SER A 53 26.36 -1.76 2.73
N ARG A 54 26.35 -2.67 3.72
CA ARG A 54 25.09 -3.31 4.21
C ARG A 54 24.19 -2.26 4.82
N LEU A 55 22.88 -2.40 4.59
CA LEU A 55 21.92 -1.48 5.18
C LEU A 55 21.85 -1.76 6.67
N TRP A 56 22.26 -0.76 7.44
CA TRP A 56 22.30 -0.85 8.89
C TRP A 56 21.08 -0.15 9.45
N PHE A 57 20.36 -0.82 10.37
CA PHE A 57 19.20 -0.21 10.99
C PHE A 57 19.34 -0.20 12.50
N THR A 58 19.26 0.98 13.09
CA THR A 58 19.46 1.12 14.53
C THR A 58 18.16 1.61 15.13
N TYR A 59 18.13 1.70 16.45
CA TYR A 59 17.03 2.41 17.13
C TYR A 59 16.89 3.79 16.48
N ARG A 60 15.65 4.28 16.42
CA ARG A 60 15.35 5.63 15.92
C ARG A 60 14.46 6.36 16.92
N LYS A 61 14.50 7.69 16.90
CA LYS A 61 13.64 8.51 17.77
C LYS A 61 12.95 9.60 16.96
N ASN A 62 11.85 10.13 17.51
CA ASN A 62 11.06 11.15 16.84
C ASN A 62 10.55 10.77 15.44
N PHE A 63 10.19 9.50 15.27
CA PHE A 63 9.36 9.14 14.12
C PHE A 63 7.87 9.27 14.52
N PRO A 64 6.95 9.35 13.54
CA PRO A 64 5.52 9.46 13.91
C PRO A 64 5.02 8.36 14.87
N ALA A 65 4.19 8.74 15.83
CA ALA A 65 3.71 7.82 16.85
C ALA A 65 3.06 6.58 16.22
N ILE A 66 3.42 5.40 16.73
CA ILE A 66 2.95 4.15 16.12
C ILE A 66 1.50 3.93 16.53
N GLY A 67 0.62 3.84 15.53
CA GLY A 67 -0.82 3.75 15.74
C GLY A 67 -1.44 5.04 16.27
N GLY A 68 -0.75 6.16 16.08
CA GLY A 68 -1.24 7.46 16.53
C GLY A 68 -0.93 7.79 17.98
N THR A 69 -0.89 6.77 18.83
CA THR A 69 -0.81 6.95 20.29
C THR A 69 0.39 6.26 20.94
N GLY A 70 0.99 5.30 20.22
CA GLY A 70 2.12 4.55 20.76
C GLY A 70 3.45 5.27 20.60
N PRO A 71 4.57 4.54 20.79
CA PRO A 71 5.92 5.09 20.82
C PRO A 71 6.35 5.90 19.60
N THR A 72 7.22 6.87 19.83
CA THR A 72 7.81 7.70 18.79
C THR A 72 9.29 7.32 18.66
N SER A 73 9.69 6.33 19.45
CA SER A 73 11.03 5.78 19.45
C SER A 73 10.98 4.30 19.81
N ASP A 74 11.93 3.51 19.29
CA ASP A 74 11.98 2.10 19.62
C ASP A 74 13.14 1.74 20.56
N THR A 75 13.87 2.75 21.02
CA THR A 75 14.96 2.52 22.00
C THR A 75 14.54 1.60 23.14
N GLY A 76 15.31 0.54 23.37
CA GLY A 76 15.02 -0.38 24.46
C GLY A 76 14.02 -1.48 24.17
N TRP A 77 13.35 -1.44 23.02
CA TRP A 77 12.41 -2.53 22.68
C TRP A 77 12.53 -3.09 21.25
N GLY A 78 13.02 -2.29 20.31
CA GLY A 78 12.98 -2.63 18.88
C GLY A 78 14.12 -3.47 18.31
N CYS A 79 15.09 -3.86 19.14
CA CYS A 79 16.36 -4.34 18.61
C CYS A 79 16.30 -5.59 17.73
N MET A 80 15.45 -6.56 18.06
CA MET A 80 15.29 -7.74 17.17
C MET A 80 14.52 -7.31 15.91
N LEU A 81 13.67 -6.32 16.05
CA LEU A 81 12.93 -5.78 14.90
C LEU A 81 13.91 -5.12 13.93
N ARG A 82 14.91 -4.41 14.47
CA ARG A 82 15.97 -3.80 13.67
C ARG A 82 16.88 -4.84 13.00
N CYS A 83 17.13 -5.95 13.70
CA CYS A 83 17.96 -7.02 13.12
C CYS A 83 17.18 -7.70 11.99
N GLY A 84 15.88 -7.91 12.22
CA GLY A 84 14.95 -8.38 11.18
C GLY A 84 14.94 -7.45 9.99
N GLN A 85 14.90 -6.12 10.23
CA GLN A 85 15.00 -5.17 9.10
C GLN A 85 16.31 -5.35 8.32
N MET A 86 17.41 -5.53 9.02
CA MET A 86 18.72 -5.64 8.34
C MET A 86 18.82 -6.90 7.49
N ILE A 87 18.40 -8.03 8.02
CA ILE A 87 18.47 -9.26 7.22
C ILE A 87 17.55 -9.15 6.00
N PHE A 88 16.36 -8.60 6.18
CA PHE A 88 15.45 -8.46 5.05
C PHE A 88 15.92 -7.43 4.05
N ALA A 89 16.50 -6.34 4.53
CA ALA A 89 17.09 -5.34 3.64
C ALA A 89 18.17 -5.94 2.75
N GLN A 90 19.02 -6.78 3.34
CA GLN A 90 20.10 -7.44 2.60
C GLN A 90 19.52 -8.30 1.48
N ALA A 91 18.40 -8.97 1.77
CA ALA A 91 17.68 -9.75 0.74
C ALA A 91 17.18 -8.85 -0.40
N LEU A 92 16.58 -7.71 -0.04
CA LEU A 92 16.17 -6.72 -1.03
C LEU A 92 17.33 -6.12 -1.83
N VAL A 93 18.48 -5.90 -1.18
CA VAL A 93 19.70 -5.45 -1.86
C VAL A 93 20.12 -6.48 -2.91
N CYS A 94 20.16 -7.76 -2.53
CA CYS A 94 20.46 -8.83 -3.48
C CYS A 94 19.40 -8.95 -4.60
N ARG A 95 18.14 -8.78 -4.23
CA ARG A 95 17.01 -8.84 -5.18
C ARG A 95 17.06 -7.74 -6.23
N HIS A 96 17.38 -6.51 -5.81
CA HIS A 96 17.29 -5.35 -6.68
C HIS A 96 18.64 -4.83 -7.18
N LEU A 97 19.68 -4.99 -6.36
CA LEU A 97 20.97 -4.36 -6.63
C LEU A 97 22.03 -5.39 -6.93
N GLY A 98 21.97 -6.52 -6.24
CA GLY A 98 22.89 -7.61 -6.47
C GLY A 98 23.91 -7.66 -5.36
N ARG A 99 24.51 -8.84 -5.20
CA ARG A 99 25.46 -9.09 -4.13
C ARG A 99 26.77 -8.33 -4.33
N ASP A 100 27.06 -7.97 -5.58
CA ASP A 100 28.27 -7.23 -5.94
C ASP A 100 28.15 -5.74 -5.69
N TRP A 101 26.92 -5.24 -5.49
CA TRP A 101 26.71 -3.84 -5.18
C TRP A 101 27.47 -3.38 -3.91
N ARG A 102 28.04 -2.18 -3.98
CA ARG A 102 28.72 -1.55 -2.86
C ARG A 102 28.30 -0.08 -2.75
N TRP A 103 28.28 0.42 -1.53
CA TRP A 103 27.95 1.80 -1.25
C TRP A 103 29.25 2.60 -1.07
N THR A 104 29.30 3.76 -1.70
CA THR A 104 30.43 4.67 -1.61
C THR A 104 29.87 6.06 -1.44
N GLN A 105 30.51 6.85 -0.60
CA GLN A 105 30.26 8.27 -0.57
C GLN A 105 30.72 8.87 -1.91
N ARG A 106 30.14 10.00 -2.29
CA ARG A 106 30.51 10.73 -3.49
C ARG A 106 30.19 10.04 -4.81
N LYS A 107 29.44 8.93 -4.75
CA LYS A 107 28.93 8.28 -5.94
C LYS A 107 27.42 8.35 -5.97
N ARG A 108 26.83 8.32 -7.16
CA ARG A 108 25.39 8.27 -7.26
C ARG A 108 24.92 6.81 -7.23
N GLN A 109 24.05 6.48 -6.29
CA GLN A 109 23.53 5.11 -6.18
C GLN A 109 22.34 4.89 -7.13
N PRO A 110 22.08 3.63 -7.54
CA PRO A 110 20.91 3.42 -8.41
C PRO A 110 19.62 3.85 -7.73
N ASP A 111 18.64 4.31 -8.52
CA ASP A 111 17.32 4.66 -8.00
C ASP A 111 16.67 3.52 -7.19
N SER A 112 16.90 2.27 -7.60
CA SER A 112 16.40 1.10 -6.85
C SER A 112 16.98 1.04 -5.42
N TYR A 113 18.18 1.58 -5.23
CA TYR A 113 18.76 1.67 -3.87
C TYR A 113 17.92 2.53 -2.93
N PHE A 114 17.48 3.71 -3.40
CA PHE A 114 16.68 4.59 -2.54
C PHE A 114 15.30 4.00 -2.27
N SER A 115 14.79 3.21 -3.21
CA SER A 115 13.49 2.52 -3.04
C SER A 115 13.56 1.42 -2.00
N VAL A 116 14.65 0.65 -2.01
CA VAL A 116 14.90 -0.34 -0.98
C VAL A 116 14.98 0.39 0.35
N LEU A 117 15.83 1.41 0.43
CA LEU A 117 16.00 2.13 1.69
C LEU A 117 14.65 2.72 2.14
N ASN A 118 13.96 3.35 1.19
CA ASN A 118 12.60 3.87 1.43
C ASN A 118 11.71 2.85 2.17
N ALA A 119 11.85 1.56 1.84
CA ALA A 119 11.01 0.51 2.44
C ALA A 119 11.22 0.24 3.93
N PHE A 120 12.24 0.87 4.53
CA PHE A 120 12.62 0.63 5.91
C PHE A 120 12.62 1.92 6.76
N ILE A 121 12.32 3.05 6.15
CA ILE A 121 12.31 4.28 6.90
C ILE A 121 11.11 4.32 7.87
N ASP A 122 11.20 5.14 8.90
CA ASP A 122 10.34 5.02 10.07
C ASP A 122 9.02 5.79 9.90
N ARG A 123 8.20 5.26 8.98
CA ARG A 123 6.93 5.84 8.61
C ARG A 123 5.95 4.72 8.23
N LYS A 124 4.68 4.86 8.60
CA LYS A 124 3.70 3.79 8.37
C LYS A 124 3.50 3.38 6.91
N ASP A 125 3.87 4.24 5.97
CA ASP A 125 3.69 3.91 4.55
C ASP A 125 4.86 3.15 3.91
N SER A 126 5.91 2.88 4.68
CA SER A 126 7.03 2.00 4.26
C SER A 126 6.69 0.55 4.59
N TYR A 127 6.90 -0.37 3.64
CA TYR A 127 6.53 -1.80 3.79
C TYR A 127 7.06 -2.46 5.04
N TYR A 128 8.30 -2.15 5.40
CA TYR A 128 8.95 -2.84 6.51
C TYR A 128 9.43 -1.83 7.56
N SER A 129 8.73 -0.71 7.68
CA SER A 129 8.98 0.22 8.77
C SER A 129 8.78 -0.46 10.12
N ILE A 130 9.44 0.09 11.13
CA ILE A 130 9.19 -0.30 12.52
C ILE A 130 7.67 -0.23 12.86
N HIS A 131 6.96 0.74 12.29
CA HIS A 131 5.48 0.86 12.45
C HIS A 131 4.78 -0.41 11.98
N GLN A 132 5.11 -0.86 10.77
CA GLN A 132 4.44 -2.01 10.16
C GLN A 132 4.83 -3.32 10.84
N ILE A 133 6.10 -3.46 11.19
CA ILE A 133 6.57 -4.64 11.94
C ILE A 133 5.87 -4.79 13.30
N ALA A 134 5.82 -3.69 14.06
CA ALA A 134 5.26 -3.68 15.42
C ALA A 134 3.76 -3.96 15.40
N GLN A 135 3.05 -3.31 14.48
CA GLN A 135 1.64 -3.57 14.29
C GLN A 135 1.32 -5.01 13.83
N MET A 136 2.10 -5.52 12.88
CA MET A 136 1.91 -6.89 12.41
C MET A 136 2.21 -7.90 13.51
N GLY A 137 3.16 -7.56 14.39
CA GLY A 137 3.53 -8.40 15.52
C GLY A 137 2.39 -8.68 16.50
N VAL A 138 1.45 -7.72 16.60
CA VAL A 138 0.27 -7.89 17.45
C VAL A 138 -0.51 -9.15 17.02
N GLY A 139 -0.72 -9.29 15.72
CA GLY A 139 -1.31 -10.50 15.15
C GLY A 139 -0.50 -11.77 15.45
N GLU A 140 0.72 -11.61 15.93
CA GLU A 140 1.57 -12.75 16.30
C GLU A 140 1.53 -13.05 17.80
N GLY A 141 0.73 -12.27 18.53
CA GLY A 141 0.58 -12.45 19.97
C GLY A 141 1.50 -11.57 20.79
N LYS A 142 2.13 -10.61 20.12
CA LYS A 142 3.19 -9.78 20.71
C LYS A 142 2.77 -8.32 20.78
N SER A 143 2.76 -7.78 21.99
CA SER A 143 2.44 -6.38 22.22
C SER A 143 3.60 -5.52 21.76
N ILE A 144 3.27 -4.34 21.24
CA ILE A 144 4.28 -3.33 20.98
C ILE A 144 5.11 -3.15 22.27
N GLY A 145 6.40 -3.49 22.20
CA GLY A 145 7.29 -3.43 23.35
C GLY A 145 7.70 -4.78 23.90
N GLN A 146 7.00 -5.83 23.49
CA GLN A 146 7.32 -7.20 23.92
C GLN A 146 8.55 -7.72 23.19
N TRP A 147 9.20 -8.73 23.77
CA TRP A 147 10.36 -9.37 23.14
C TRP A 147 9.97 -10.27 21.97
N TYR A 148 10.60 -10.02 20.83
CA TYR A 148 10.48 -10.90 19.66
C TYR A 148 11.69 -11.82 19.59
N GLY A 149 11.44 -13.10 19.44
CA GLY A 149 12.51 -14.02 19.04
C GLY A 149 12.65 -13.95 17.52
N PRO A 150 13.70 -14.60 16.98
CA PRO A 150 13.92 -14.68 15.54
C PRO A 150 12.71 -15.20 14.76
N ASN A 151 12.01 -16.18 15.31
CA ASN A 151 10.87 -16.78 14.62
C ASN A 151 9.69 -15.83 14.43
N THR A 152 9.37 -15.08 15.46
CA THR A 152 8.29 -14.10 15.37
C THR A 152 8.64 -13.00 14.36
N VAL A 153 9.88 -12.50 14.41
CA VAL A 153 10.29 -11.47 13.45
C VAL A 153 10.23 -12.03 12.02
N ALA A 154 10.67 -13.28 11.83
CA ALA A 154 10.61 -13.91 10.50
C ALA A 154 9.16 -14.03 10.01
N GLN A 155 8.26 -14.48 10.89
CA GLN A 155 6.85 -14.58 10.53
C GLN A 155 6.24 -13.24 10.15
N VAL A 156 6.62 -12.20 10.88
CA VAL A 156 6.12 -10.86 10.57
C VAL A 156 6.63 -10.42 9.19
N LEU A 157 7.90 -10.65 8.90
CA LEU A 157 8.44 -10.20 7.60
C LEU A 157 7.73 -10.88 6.43
N LYS A 158 7.42 -12.17 6.59
CA LYS A 158 6.62 -12.89 5.58
C LYS A 158 5.28 -12.20 5.29
N LYS A 159 4.53 -11.89 6.34
CA LYS A 159 3.24 -11.22 6.11
C LYS A 159 3.40 -9.81 5.53
N LEU A 160 4.49 -9.12 5.88
CA LEU A 160 4.68 -7.77 5.38
C LEU A 160 5.03 -7.73 3.92
N ALA A 161 5.78 -8.74 3.46
CA ALA A 161 6.28 -8.80 2.10
C ALA A 161 5.16 -9.03 1.08
N VAL A 162 4.02 -9.60 1.53
CA VAL A 162 2.83 -9.76 0.68
C VAL A 162 2.44 -8.45 -0.02
N PHE A 163 2.54 -7.32 0.68
CA PHE A 163 2.21 -6.01 0.09
C PHE A 163 3.22 -5.48 -0.91
N ASP A 164 4.43 -6.04 -0.88
CA ASP A 164 5.53 -5.49 -1.66
C ASP A 164 5.53 -6.10 -3.05
N THR A 165 4.70 -5.53 -3.93
CA THR A 165 4.57 -5.99 -5.30
C THR A 165 5.80 -5.66 -6.14
N TRP A 166 6.52 -4.59 -5.76
CA TRP A 166 7.77 -4.23 -6.41
C TRP A 166 8.79 -5.38 -6.31
N SER A 167 9.07 -5.84 -5.09
CA SER A 167 10.09 -6.88 -4.90
C SER A 167 9.54 -8.24 -5.26
N SER A 168 8.25 -8.44 -5.02
CA SER A 168 7.54 -9.72 -5.27
C SER A 168 8.33 -10.96 -4.82
N LEU A 169 8.64 -10.99 -3.53
CA LEU A 169 9.45 -12.06 -2.92
C LEU A 169 8.58 -13.17 -2.40
N ALA A 170 9.15 -14.36 -2.34
CA ALA A 170 8.52 -15.45 -1.63
C ALA A 170 9.32 -15.59 -0.33
N VAL A 171 8.63 -15.56 0.80
CA VAL A 171 9.31 -15.80 2.08
C VAL A 171 8.90 -17.15 2.67
N HIS A 172 9.87 -18.04 2.84
CA HIS A 172 9.57 -19.33 3.46
C HIS A 172 10.28 -19.44 4.79
N ILE A 173 9.50 -19.72 5.83
CA ILE A 173 10.07 -19.99 7.14
C ILE A 173 10.01 -21.50 7.40
N ALA A 174 11.18 -22.13 7.36
CA ALA A 174 11.34 -23.57 7.46
C ALA A 174 11.40 -24.00 8.93
N MET A 175 10.25 -24.45 9.44
CA MET A 175 10.15 -24.98 10.81
C MET A 175 10.51 -26.47 10.87
N ASP A 176 10.58 -27.02 12.07
CA ASP A 176 10.89 -28.46 12.28
C ASP A 176 12.25 -28.87 11.74
N ASN A 177 13.17 -27.91 11.69
CA ASN A 177 14.52 -28.16 11.18
C ASN A 177 14.51 -28.88 9.83
N THR A 178 13.52 -28.58 9.00
CA THR A 178 13.39 -29.23 7.71
C THR A 178 13.00 -28.26 6.61
N VAL A 179 13.77 -28.26 5.53
CA VAL A 179 13.44 -27.52 4.31
C VAL A 179 12.88 -28.50 3.28
N VAL A 180 11.61 -28.32 2.92
CA VAL A 180 10.94 -29.24 1.98
C VAL A 180 10.93 -28.65 0.56
N MET A 181 11.69 -29.26 -0.34
CA MET A 181 11.91 -28.70 -1.67
C MET A 181 10.64 -28.52 -2.48
N GLU A 182 9.69 -29.45 -2.34
CA GLU A 182 8.42 -29.30 -3.07
C GLU A 182 7.64 -28.08 -2.55
N GLU A 183 7.72 -27.84 -1.25
CA GLU A 183 7.04 -26.66 -0.66
C GLU A 183 7.62 -25.34 -1.22
N ILE A 184 8.95 -25.31 -1.41
CA ILE A 184 9.65 -24.16 -1.98
C ILE A 184 9.22 -23.91 -3.42
N ARG A 185 9.19 -24.97 -4.21
CA ARG A 185 8.68 -24.86 -5.59
C ARG A 185 7.22 -24.40 -5.62
N ARG A 186 6.39 -24.99 -4.75
CA ARG A 186 4.98 -24.58 -4.62
C ARG A 186 4.88 -23.07 -4.34
N LEU A 187 5.75 -22.56 -3.47
CA LEU A 187 5.75 -21.13 -3.10
C LEU A 187 6.26 -20.21 -4.20
N CYS A 188 7.31 -20.65 -4.89
CA CYS A 188 8.07 -19.76 -5.77
C CYS A 188 7.70 -19.78 -7.25
N ARG A 189 7.32 -20.94 -7.78
CA ARG A 189 6.99 -21.07 -9.20
C ARG A 189 5.80 -20.18 -9.48
N THR A 190 5.95 -19.29 -10.45
CA THR A 190 4.83 -18.45 -10.85
C THR A 190 4.12 -19.07 -12.06
N SER A 191 4.87 -19.82 -12.86
CA SER A 191 4.32 -20.49 -14.04
C SER A 191 5.05 -21.81 -14.24
N VAL A 192 4.52 -22.65 -15.12
CA VAL A 192 5.23 -23.87 -15.52
C VAL A 192 6.48 -23.40 -16.29
N PRO A 193 7.68 -23.91 -15.89
CA PRO A 193 8.98 -23.54 -16.48
C PRO A 193 9.14 -23.92 -17.96
N CYS A 194 9.71 -23.01 -18.75
CA CYS A 194 9.91 -23.22 -20.19
C CYS A 194 10.98 -24.25 -20.50
N ALA A 195 11.27 -24.41 -21.80
CA ALA A 195 12.33 -25.29 -22.27
C ALA A 195 13.71 -24.72 -21.96
N PRO A 221 9.13 -10.03 -15.71
CA PRO A 221 9.83 -10.90 -14.76
C PRO A 221 8.93 -11.30 -13.57
N SER A 222 8.89 -12.59 -13.18
CA SER A 222 9.65 -13.71 -13.78
C SER A 222 8.95 -15.06 -13.45
N PRO A 223 9.60 -16.22 -13.77
CA PRO A 223 9.00 -17.53 -13.50
C PRO A 223 9.23 -18.10 -12.07
N TRP A 224 10.01 -17.39 -11.26
CA TRP A 224 10.37 -17.84 -9.92
C TRP A 224 10.39 -16.57 -9.05
N ARG A 225 9.59 -16.57 -7.98
CA ARG A 225 9.59 -15.46 -7.04
C ARG A 225 10.87 -15.61 -6.25
N PRO A 226 11.75 -14.59 -6.31
CA PRO A 226 13.01 -14.65 -5.55
C PRO A 226 12.76 -15.03 -4.10
N LEU A 227 13.53 -15.98 -3.59
CA LEU A 227 13.18 -16.61 -2.34
C LEU A 227 14.02 -16.10 -1.17
N VAL A 228 13.33 -15.67 -0.11
CA VAL A 228 13.97 -15.43 1.18
C VAL A 228 13.66 -16.62 2.10
N LEU A 229 14.65 -17.47 2.35
CA LEU A 229 14.44 -18.65 3.20
C LEU A 229 14.99 -18.37 4.59
N LEU A 230 14.14 -18.51 5.61
CA LEU A 230 14.56 -18.25 7.00
C LEU A 230 14.31 -19.51 7.79
N ILE A 231 15.33 -19.94 8.52
CA ILE A 231 15.31 -21.20 9.25
C ILE A 231 15.56 -20.93 10.73
N PRO A 232 14.49 -20.88 11.54
CA PRO A 232 14.69 -20.74 12.97
C PRO A 232 15.29 -22.01 13.56
N LEU A 233 16.21 -21.81 14.51
CA LEU A 233 16.98 -22.88 15.13
C LEU A 233 17.16 -22.59 16.61
N ARG A 234 17.39 -23.65 17.39
CA ARG A 234 17.76 -23.57 18.80
C ARG A 234 18.94 -24.51 18.97
N LEU A 235 20.14 -23.96 19.14
CA LEU A 235 21.37 -24.73 18.98
C LEU A 235 22.00 -25.22 20.28
N GLY A 236 21.24 -25.15 21.37
CA GLY A 236 21.76 -25.51 22.66
C GLY A 236 20.81 -25.09 23.75
N LEU A 237 21.17 -25.44 24.98
CA LEU A 237 20.30 -25.19 26.11
C LEU A 237 20.44 -23.74 26.54
N THR A 238 21.66 -23.31 26.82
CA THR A 238 21.95 -21.91 27.13
C THR A 238 23.10 -21.43 26.27
N ASP A 239 23.79 -22.38 25.67
CA ASP A 239 24.95 -22.12 24.84
C ASP A 239 24.80 -22.97 23.57
N ILE A 240 25.42 -22.53 22.48
CA ILE A 240 25.49 -23.31 21.26
C ILE A 240 26.35 -24.55 21.48
N ASN A 241 25.82 -25.72 21.12
CA ASN A 241 26.62 -26.95 21.13
C ASN A 241 27.72 -26.88 20.06
N GLU A 242 28.96 -27.19 20.43
CA GLU A 242 30.09 -26.94 19.53
C GLU A 242 30.17 -27.85 18.31
N ALA A 243 29.34 -28.91 18.32
CA ALA A 243 29.15 -29.75 17.14
C ALA A 243 28.53 -28.95 16.00
N TYR A 244 27.70 -27.97 16.34
CA TYR A 244 27.05 -27.07 15.38
C TYR A 244 27.99 -26.00 14.79
N VAL A 245 29.08 -25.71 15.49
CA VAL A 245 29.94 -24.57 15.12
C VAL A 245 30.44 -24.60 13.68
N GLU A 246 30.92 -25.75 13.22
CA GLU A 246 31.38 -25.79 11.84
C GLU A 246 30.24 -25.66 10.82
N THR A 247 29.08 -26.22 11.14
CA THR A 247 27.94 -26.05 10.26
C THR A 247 27.50 -24.58 10.19
N LEU A 248 27.48 -23.91 11.34
CA LEU A 248 27.16 -22.49 11.42
C LEU A 248 28.09 -21.64 10.56
N LYS A 249 29.40 -21.88 10.64
CA LYS A 249 30.36 -21.18 9.80
C LYS A 249 30.04 -21.34 8.30
N HIS A 250 29.78 -22.57 7.86
CA HIS A 250 29.49 -22.81 6.44
C HIS A 250 28.22 -22.12 5.93
N CYS A 251 27.30 -21.84 6.84
CA CYS A 251 26.12 -21.02 6.52
C CYS A 251 26.45 -19.61 6.07
N PHE A 252 27.59 -19.08 6.51
CA PHE A 252 28.08 -17.78 6.04
C PHE A 252 28.93 -17.90 4.79
N MET A 253 29.19 -19.13 4.36
CA MET A 253 30.12 -19.38 3.25
C MET A 253 29.46 -19.67 1.90
N MET A 254 28.13 -19.61 1.88
CA MET A 254 27.35 -19.88 0.65
C MET A 254 27.05 -18.60 -0.13
N PRO A 255 27.07 -18.68 -1.47
CA PRO A 255 26.75 -17.48 -2.22
C PRO A 255 25.38 -16.89 -1.82
N GLN A 256 24.50 -17.73 -1.28
CA GLN A 256 23.14 -17.36 -0.95
C GLN A 256 23.02 -16.80 0.47
N SER A 257 24.13 -16.77 1.20
CA SER A 257 24.08 -16.47 2.63
C SER A 257 23.56 -15.08 2.89
N LEU A 258 22.48 -14.98 3.68
CA LEU A 258 22.01 -13.67 4.20
C LEU A 258 22.51 -13.39 5.61
N GLY A 259 23.20 -14.35 6.21
CA GLY A 259 23.60 -14.24 7.62
C GLY A 259 22.57 -14.76 8.59
N VAL A 260 22.69 -14.33 9.85
CA VAL A 260 21.93 -14.90 10.96
C VAL A 260 21.44 -13.78 11.85
N ILE A 261 20.21 -13.86 12.32
CA ILE A 261 19.76 -12.95 13.36
C ILE A 261 19.63 -13.72 14.68
N GLY A 262 20.01 -13.08 15.76
CA GLY A 262 20.11 -13.78 17.04
C GLY A 262 20.29 -12.85 18.23
N GLY A 263 20.03 -13.41 19.42
CA GLY A 263 19.73 -12.68 20.67
C GLY A 263 18.58 -13.44 21.32
N LYS A 264 18.41 -13.40 22.65
CA LYS A 264 19.15 -12.59 23.66
C LYS A 264 18.41 -11.30 23.94
N PRO A 265 17.41 -11.34 24.85
CA PRO A 265 16.54 -10.17 25.12
C PRO A 265 17.33 -8.86 25.18
N ASN A 266 16.93 -7.89 24.35
CA ASN A 266 17.56 -6.56 24.29
C ASN A 266 19.05 -6.48 23.95
N SER A 267 19.54 -7.52 23.28
CA SER A 267 20.92 -7.58 22.82
C SER A 267 20.99 -8.35 21.48
N ALA A 268 20.11 -8.01 20.56
CA ALA A 268 20.01 -8.72 19.27
C ALA A 268 21.09 -8.25 18.32
N HIS A 269 21.61 -9.16 17.49
CA HIS A 269 22.57 -8.78 16.49
C HIS A 269 22.20 -9.37 15.14
N TYR A 270 22.72 -8.75 14.08
CA TYR A 270 22.66 -9.30 12.74
C TYR A 270 24.06 -9.75 12.41
N PHE A 271 24.29 -11.06 12.46
CA PHE A 271 25.60 -11.61 12.12
C PHE A 271 25.74 -11.72 10.62
N ILE A 272 26.80 -11.13 10.07
CA ILE A 272 27.00 -11.08 8.65
C ILE A 272 28.14 -11.98 8.21
N GLY A 273 28.88 -12.54 9.17
CA GLY A 273 30.02 -13.37 8.79
C GLY A 273 30.84 -13.80 9.98
N TYR A 274 32.08 -14.21 9.68
CA TYR A 274 32.97 -14.69 10.72
C TYR A 274 34.42 -14.60 10.30
N VAL A 275 35.29 -14.56 11.31
CA VAL A 275 36.73 -14.75 11.14
C VAL A 275 37.24 -15.53 12.38
N GLY A 276 37.92 -16.63 12.14
CA GLY A 276 38.38 -17.49 13.24
C GLY A 276 37.24 -18.08 14.03
N GLU A 277 37.27 -17.85 15.34
CA GLU A 277 36.24 -18.33 16.26
C GLU A 277 35.28 -17.22 16.65
N GLU A 278 35.21 -16.19 15.82
CA GLU A 278 34.37 -15.01 16.07
C GLU A 278 33.38 -14.75 14.93
N LEU A 279 32.14 -14.41 15.28
CA LEU A 279 31.20 -13.88 14.32
C LEU A 279 31.40 -12.37 14.17
N ILE A 280 31.13 -11.87 12.97
CA ILE A 280 31.16 -10.45 12.66
C ILE A 280 29.69 -10.03 12.55
N TYR A 281 29.31 -8.91 13.19
CA TYR A 281 27.90 -8.50 13.23
C TYR A 281 27.65 -6.99 13.12
N LEU A 282 26.43 -6.67 12.71
CA LEU A 282 25.93 -5.30 12.74
C LEU A 282 25.02 -5.16 13.96
N ASP A 283 25.18 -4.05 14.69
CA ASP A 283 24.53 -3.91 16.00
C ASP A 283 23.61 -2.69 16.01
N PRO A 284 22.33 -2.87 16.40
CA PRO A 284 21.32 -1.81 16.33
C PRO A 284 21.26 -0.89 17.57
N HIS A 285 22.13 -1.11 18.55
CA HIS A 285 21.92 -0.45 19.84
C HIS A 285 22.53 0.95 19.99
N THR A 286 22.02 1.86 19.14
CA THR A 286 22.31 3.29 19.27
C THR A 286 21.11 4.05 18.67
N THR A 287 20.72 5.15 19.30
CA THR A 287 19.48 5.81 18.92
C THR A 287 19.82 7.00 18.02
N GLN A 288 19.35 6.95 16.79
CA GLN A 288 19.57 8.04 15.86
C GLN A 288 18.29 8.80 15.54
N PRO A 289 18.40 10.12 15.28
CA PRO A 289 17.22 10.86 14.83
C PRO A 289 16.61 10.21 13.59
N ALA A 290 15.29 10.12 13.56
CA ALA A 290 14.59 9.68 12.36
C ALA A 290 14.93 10.60 11.17
N VAL A 291 15.04 10.03 9.97
CA VAL A 291 15.34 10.79 8.76
C VAL A 291 14.03 11.26 8.14
N GLU A 292 13.96 12.56 7.85
CA GLU A 292 12.75 13.21 7.33
C GLU A 292 12.39 12.63 5.96
N PRO A 293 11.23 11.94 5.88
CA PRO A 293 10.75 11.13 4.76
C PRO A 293 10.81 11.82 3.39
N THR A 294 10.67 11.00 2.35
CA THR A 294 11.23 11.32 1.04
C THR A 294 10.35 12.13 0.09
N ASP A 295 10.67 13.42 0.02
CA ASP A 295 10.25 14.28 -1.07
C ASP A 295 11.28 14.12 -2.18
N GLY A 296 10.89 13.41 -3.23
CA GLY A 296 11.79 13.09 -4.33
C GLY A 296 12.44 11.74 -4.14
N CYS A 297 13.44 11.45 -4.97
CA CYS A 297 14.14 10.16 -4.96
C CYS A 297 15.20 10.09 -3.84
N PHE A 298 16.00 11.15 -3.75
CA PHE A 298 17.12 11.21 -2.81
C PHE A 298 16.69 11.12 -1.34
N ILE A 299 17.45 10.33 -0.58
CA ILE A 299 17.38 10.26 0.89
C ILE A 299 18.79 10.39 1.47
N PRO A 300 19.00 11.31 2.43
CA PRO A 300 20.32 11.33 3.08
C PRO A 300 20.55 10.02 3.84
N ASP A 301 21.58 9.28 3.44
CA ASP A 301 21.68 7.88 3.82
C ASP A 301 22.88 7.50 4.67
N GLU A 302 23.65 8.49 5.09
CA GLU A 302 24.87 8.25 5.88
C GLU A 302 24.60 7.39 7.13
N SER A 303 23.46 7.64 7.79
CA SER A 303 23.15 6.98 9.05
C SER A 303 22.69 5.53 8.88
N PHE A 304 22.51 5.08 7.64
CA PHE A 304 22.11 3.69 7.36
C PHE A 304 23.28 2.83 6.93
N HIS A 305 24.49 3.26 7.30
CA HIS A 305 25.70 2.57 6.86
C HIS A 305 26.69 2.62 8.01
N CYS A 306 27.07 1.44 8.49
CA CYS A 306 27.85 1.34 9.69
C CYS A 306 29.32 1.57 9.30
N GLN A 307 29.91 2.63 9.84
CA GLN A 307 31.28 2.99 9.48
C GLN A 307 32.28 2.81 10.62
N HIS A 308 31.82 2.31 11.76
CA HIS A 308 32.73 2.03 12.89
C HIS A 308 33.43 0.69 12.65
N PRO A 309 34.46 0.34 13.46
CA PRO A 309 35.11 -0.95 13.23
C PRO A 309 34.10 -2.06 13.48
N PRO A 310 34.01 -3.04 12.55
CA PRO A 310 32.98 -4.07 12.64
C PRO A 310 33.00 -4.81 13.97
N CYS A 311 31.84 -4.96 14.59
CA CYS A 311 31.73 -5.72 15.83
C CYS A 311 32.01 -7.21 15.64
N ARG A 312 32.63 -7.82 16.64
CA ARG A 312 32.93 -9.24 16.65
C ARG A 312 32.66 -9.79 18.03
N MET A 313 32.27 -11.05 18.09
CA MET A 313 32.11 -11.76 19.36
C MET A 313 32.42 -13.24 19.16
N SER A 314 32.87 -13.90 20.23
CA SER A 314 33.13 -15.35 20.18
C SER A 314 31.85 -16.11 19.87
N ILE A 315 31.94 -17.03 18.92
CA ILE A 315 30.84 -17.94 18.61
C ILE A 315 30.29 -18.60 19.87
N ALA A 316 31.17 -18.79 20.86
CA ALA A 316 30.82 -19.34 22.18
C ALA A 316 29.91 -18.44 23.02
N GLU A 317 29.92 -17.13 22.74
CA GLU A 317 29.08 -16.19 23.45
C GLU A 317 27.65 -16.12 22.91
N LEU A 318 27.46 -16.69 21.72
CA LEU A 318 26.18 -16.64 21.00
C LEU A 318 25.00 -17.33 21.69
N ASP A 319 23.91 -16.59 21.92
CA ASP A 319 22.65 -17.20 22.41
C ASP A 319 22.22 -18.27 21.41
N PRO A 320 21.69 -19.41 21.89
CA PRO A 320 21.38 -20.52 20.99
C PRO A 320 20.12 -20.37 20.12
N SER A 321 19.27 -19.38 20.40
CA SER A 321 18.08 -19.10 19.58
C SER A 321 18.45 -18.15 18.42
N ILE A 322 18.39 -18.70 17.20
CA ILE A 322 18.75 -17.94 16.00
C ILE A 322 17.78 -18.21 14.83
N ALA A 323 17.92 -17.42 13.78
CA ALA A 323 17.33 -17.76 12.47
C ALA A 323 18.39 -17.48 11.42
N VAL A 324 18.66 -18.48 10.59
CA VAL A 324 19.61 -18.33 9.51
C VAL A 324 18.86 -18.06 8.19
N GLY A 325 19.39 -17.14 7.39
CA GLY A 325 18.71 -16.76 6.14
C GLY A 325 19.51 -17.10 4.91
N PHE A 326 18.80 -17.37 3.82
CA PHE A 326 19.42 -17.56 2.52
C PHE A 326 18.56 -16.89 1.48
N PHE A 327 19.20 -16.32 0.46
CA PHE A 327 18.47 -15.70 -0.64
C PHE A 327 18.72 -16.46 -1.94
N CYS A 328 17.65 -16.93 -2.57
CA CYS A 328 17.73 -17.64 -3.85
C CYS A 328 16.90 -16.91 -4.89
N LYS A 329 17.57 -16.09 -5.71
CA LYS A 329 16.89 -15.17 -6.63
C LYS A 329 16.17 -15.92 -7.75
N THR A 330 16.83 -16.97 -8.28
CA THR A 330 16.25 -17.83 -9.33
C THR A 330 16.19 -19.28 -8.86
N GLU A 331 15.49 -20.12 -9.60
CA GLU A 331 15.40 -21.53 -9.24
C GLU A 331 16.78 -22.17 -9.30
N ASP A 332 17.63 -21.65 -10.19
CA ASP A 332 19.00 -22.14 -10.32
C ASP A 332 19.82 -21.87 -9.06
N ASP A 333 19.62 -20.70 -8.46
CA ASP A 333 20.28 -20.40 -7.20
C ASP A 333 19.80 -21.36 -6.13
N PHE A 334 18.50 -21.64 -6.14
CA PHE A 334 17.92 -22.53 -5.14
C PHE A 334 18.53 -23.92 -5.30
N ASN A 335 18.64 -24.37 -6.55
CA ASN A 335 19.19 -25.71 -6.79
C ASN A 335 20.64 -25.76 -6.33
N ASP A 336 21.40 -24.70 -6.64
CA ASP A 336 22.79 -24.63 -6.16
C ASP A 336 22.84 -24.69 -4.63
N TRP A 337 21.95 -23.95 -3.96
CA TRP A 337 21.92 -23.94 -2.49
C TRP A 337 21.65 -25.34 -1.95
N CYS A 338 20.71 -26.05 -2.56
CA CYS A 338 20.37 -27.42 -2.18
C CYS A 338 21.60 -28.34 -2.26
N GLN A 339 22.37 -28.18 -3.32
CA GLN A 339 23.61 -28.95 -3.53
C GLN A 339 24.64 -28.66 -2.42
N GLN A 340 24.77 -27.39 -2.06
CA GLN A 340 25.68 -26.98 -1.00
C GLN A 340 25.27 -27.52 0.38
N VAL A 341 23.97 -27.64 0.61
CA VAL A 341 23.45 -28.22 1.86
C VAL A 341 23.74 -29.71 1.95
N LYS A 342 23.63 -30.42 0.82
CA LYS A 342 23.90 -31.86 0.76
C LYS A 342 25.36 -32.18 1.09
N LYS A 343 26.28 -31.44 0.46
CA LYS A 343 27.71 -31.51 0.77
C LYS A 343 28.02 -31.24 2.27
N LEU A 344 27.14 -30.53 2.97
CA LEU A 344 27.34 -30.31 4.39
C LEU A 344 27.09 -31.56 5.25
N SER A 345 26.34 -32.52 4.72
CA SER A 345 26.02 -33.73 5.48
C SER A 345 27.21 -34.67 5.67
N LEU A 346 28.41 -34.15 5.44
CA LEU A 346 29.65 -34.91 5.60
C LEU A 346 30.73 -34.16 6.39
N LEU A 347 31.95 -34.69 6.36
CA LEU A 347 33.09 -34.15 7.15
C LEU A 347 32.88 -34.33 8.66
N GLY A 348 33.93 -34.04 9.43
CA GLY A 348 33.90 -34.20 10.89
C GLY A 348 32.65 -33.61 11.52
N GLY A 349 32.40 -32.35 11.19
CA GLY A 349 31.18 -31.63 11.55
C GLY A 349 31.13 -30.44 10.62
N ALA A 350 29.99 -30.15 9.97
CA ALA A 350 28.68 -30.83 10.08
C ALA A 350 28.66 -32.35 10.26
N LEU A 351 27.73 -32.88 11.08
CA LEU A 351 26.76 -32.18 11.96
C LEU A 351 25.80 -31.09 11.41
N PRO A 352 24.78 -31.51 10.63
CA PRO A 352 23.74 -30.59 10.14
C PRO A 352 22.81 -30.04 11.24
N MET A 353 22.33 -28.80 11.08
CA MET A 353 21.31 -28.22 11.97
C MET A 353 19.88 -28.27 11.39
N PHE A 354 19.79 -28.56 10.10
CA PHE A 354 18.49 -28.73 9.45
C PHE A 354 18.65 -29.73 8.31
N GLU A 355 17.56 -30.36 7.92
CA GLU A 355 17.58 -31.29 6.79
C GLU A 355 16.78 -30.80 5.59
N LEU A 356 17.21 -31.24 4.42
CA LEU A 356 16.57 -30.95 3.15
C LEU A 356 15.88 -32.25 2.72
N VAL A 357 14.59 -32.15 2.38
CA VAL A 357 13.83 -33.31 1.94
C VAL A 357 12.97 -32.90 0.74
N GLU A 358 12.79 -33.81 -0.22
CA GLU A 358 11.99 -33.47 -1.41
C GLU A 358 10.53 -33.18 -1.05
N GLN A 359 9.95 -34.08 -0.26
CA GLN A 359 8.55 -33.95 0.18
C GLN A 359 8.39 -34.47 1.61
N GLN A 360 7.30 -34.06 2.25
CA GLN A 360 7.01 -34.51 3.60
C GLN A 360 5.57 -35.02 3.67
N PRO A 361 5.35 -36.20 4.29
CA PRO A 361 3.98 -36.68 4.57
C PRO A 361 3.23 -35.72 5.51
N SER A 362 2.58 -34.71 4.91
CA SER A 362 1.97 -33.64 5.67
C SER A 362 0.46 -33.81 5.80
N HIS A 363 0.07 -34.61 6.79
CA HIS A 363 -1.32 -34.80 7.18
C HIS A 363 -1.35 -34.88 8.71
N LEU A 364 -1.05 -33.74 9.33
CA LEU A 364 -0.78 -33.55 10.78
C LEU A 364 0.72 -33.46 11.10
N ALA A 365 1.15 -32.27 11.50
CA ALA A 365 2.54 -32.01 11.89
C ALA A 365 2.60 -30.75 12.75
N CYS A 366 3.60 -29.90 12.48
CA CYS A 366 3.73 -28.57 13.10
C CYS A 366 4.50 -27.68 12.11
N PRO A 367 4.83 -26.41 12.46
CA PRO A 367 4.98 -25.62 13.69
C PRO A 367 3.72 -25.45 14.57
N ASP A 368 3.92 -25.12 15.85
CA ASP A 368 5.23 -24.74 16.41
C ASP A 368 6.17 -25.90 16.77
N VAL A 369 7.29 -26.03 16.05
CA VAL A 369 8.35 -26.99 16.41
C VAL A 369 9.77 -26.61 15.99
N LEU A 370 10.61 -26.41 16.99
CA LEU A 370 12.05 -26.45 16.80
C LEU A 370 12.59 -27.62 17.59
N ASN A 371 13.76 -28.10 17.22
CA ASN A 371 14.32 -29.31 17.82
C ASN A 371 15.73 -29.11 18.39
N LEU A 372 15.96 -29.67 19.58
CA LEU A 372 17.30 -29.92 20.15
C LEU A 372 17.18 -31.20 20.99
N SER A 373 18.08 -32.18 20.93
CA SER A 373 19.45 -32.20 20.40
C SER A 373 20.39 -31.89 21.57
N LEU A 374 20.06 -32.50 22.70
CA LEU A 374 20.84 -32.31 23.91
C LEU A 374 21.53 -33.57 24.39
N ASP A 375 22.79 -33.39 24.73
CA ASP A 375 23.63 -34.44 25.28
C ASP A 375 23.40 -34.55 26.79
N SER A 376 24.20 -35.37 27.44
CA SER A 376 24.24 -35.40 28.91
C SER A 376 25.36 -34.48 29.42
N SER A 377 25.08 -33.64 30.42
CA SER A 377 23.75 -33.53 31.02
C SER A 377 23.14 -32.17 30.67
N ASP A 378 22.82 -32.01 29.39
CA ASP A 378 22.08 -30.84 28.95
C ASP A 378 20.58 -31.10 29.07
N THR B 15 -13.82 2.44 -25.83
CA THR B 15 -13.51 3.68 -26.61
C THR B 15 -12.25 4.34 -26.09
N LEU B 16 -11.94 4.15 -24.81
CA LEU B 16 -10.76 4.82 -24.24
C LEU B 16 -9.48 4.36 -24.87
N ARG B 17 -9.48 3.09 -25.29
CA ARG B 17 -8.32 2.44 -25.89
C ARG B 17 -7.80 3.21 -27.11
N PHE B 18 -8.71 3.72 -27.93
CA PHE B 18 -8.33 4.47 -29.14
C PHE B 18 -8.56 5.98 -29.10
N ALA B 19 -8.72 6.53 -27.89
CA ALA B 19 -8.85 7.99 -27.72
C ALA B 19 -7.53 8.72 -27.96
N GLU B 20 -7.64 10.02 -28.24
CA GLU B 20 -6.46 10.88 -28.29
C GLU B 20 -6.12 11.36 -26.90
N PHE B 21 -4.84 11.26 -26.54
CA PHE B 21 -4.33 11.74 -25.26
C PHE B 21 -3.25 12.80 -25.51
N GLU B 22 -3.21 13.84 -24.69
CA GLU B 22 -2.08 14.79 -24.77
C GLU B 22 -1.46 15.17 -23.43
N ASP B 23 -2.01 16.17 -22.74
CA ASP B 23 -1.56 16.48 -21.38
C ASP B 23 -2.68 17.13 -20.51
N PHE B 24 -2.94 18.44 -20.58
CA PHE B 24 -2.30 19.43 -21.44
C PHE B 24 -1.14 20.02 -20.66
N PRO B 25 -0.07 20.45 -21.37
CA PRO B 25 0.99 21.17 -20.69
C PRO B 25 0.68 22.64 -20.37
N GLU B 26 1.59 23.52 -20.76
CA GLU B 26 1.87 24.73 -19.98
C GLU B 26 1.14 26.00 -20.40
N THR B 27 0.12 26.35 -19.62
CA THR B 27 -0.48 27.69 -19.68
C THR B 27 -0.62 28.25 -18.25
N SER B 28 -1.05 29.50 -18.13
CA SER B 28 -1.18 30.13 -16.83
C SER B 28 -2.51 29.78 -16.14
N GLU B 29 -3.39 29.09 -16.86
CA GLU B 29 -4.72 28.72 -16.34
C GLU B 29 -4.61 27.71 -15.20
N PRO B 30 -5.14 28.07 -14.01
CA PRO B 30 -5.15 27.16 -12.85
C PRO B 30 -5.78 25.81 -13.17
N VAL B 31 -5.19 24.75 -12.62
CA VAL B 31 -5.74 23.41 -12.77
C VAL B 31 -6.44 23.06 -11.45
N TRP B 32 -7.74 22.82 -11.54
CA TRP B 32 -8.52 22.54 -10.36
C TRP B 32 -8.90 21.06 -10.33
N ILE B 33 -8.51 20.37 -9.26
CA ILE B 33 -8.94 18.97 -9.04
C ILE B 33 -9.65 18.90 -7.71
N LEU B 34 -10.95 18.63 -7.74
CA LEU B 34 -11.71 18.33 -6.51
C LEU B 34 -11.33 19.27 -5.36
N GLY B 35 -11.52 20.56 -5.60
CA GLY B 35 -11.28 21.57 -4.57
C GLY B 35 -9.84 21.94 -4.29
N ARG B 36 -8.90 21.35 -5.03
CA ARG B 36 -7.47 21.67 -4.87
C ARG B 36 -6.95 22.42 -6.11
N LYS B 37 -6.21 23.50 -5.87
CA LYS B 37 -5.72 24.36 -6.94
C LYS B 37 -4.25 24.11 -7.21
N TYR B 38 -3.90 23.97 -8.50
CA TYR B 38 -2.53 23.66 -8.90
C TYR B 38 -2.04 24.53 -10.06
N SER B 39 -0.71 24.71 -10.15
CA SER B 39 -0.10 25.33 -11.33
C SER B 39 0.56 24.29 -12.21
N ILE B 40 0.19 24.25 -13.50
CA ILE B 40 0.80 23.29 -14.45
C ILE B 40 2.32 23.49 -14.59
N PHE B 41 2.78 24.72 -14.39
CA PHE B 41 4.22 25.02 -14.48
C PHE B 41 5.00 24.34 -13.35
N THR B 42 4.52 24.49 -12.12
CA THR B 42 5.30 24.11 -10.94
C THR B 42 4.73 22.94 -10.11
N GLU B 43 3.49 22.54 -10.38
CA GLU B 43 2.90 21.45 -9.62
C GLU B 43 2.40 20.30 -10.49
N LYS B 44 3.11 20.05 -11.58
CA LYS B 44 2.69 19.04 -12.55
C LYS B 44 2.61 17.62 -11.95
N ASP B 45 3.65 17.24 -11.19
CA ASP B 45 3.67 15.95 -10.50
C ASP B 45 2.54 15.81 -9.48
N GLU B 46 2.24 16.88 -8.76
CA GLU B 46 1.17 16.88 -7.76
C GLU B 46 -0.18 16.71 -8.45
N ILE B 47 -0.35 17.35 -9.61
CA ILE B 47 -1.57 17.21 -10.38
C ILE B 47 -1.74 15.75 -10.77
N LEU B 48 -0.68 15.19 -11.35
CA LEU B 48 -0.75 13.84 -11.91
C LEU B 48 -0.95 12.81 -10.81
N SER B 49 -0.27 13.02 -9.69
CA SER B 49 -0.45 12.20 -8.49
C SER B 49 -1.89 12.25 -7.97
N ASP B 50 -2.46 13.45 -7.96
CA ASP B 50 -3.81 13.63 -7.44
C ASP B 50 -4.81 12.89 -8.32
N VAL B 51 -4.65 12.97 -9.65
CA VAL B 51 -5.55 12.26 -10.58
C VAL B 51 -5.40 10.73 -10.52
N ALA B 52 -4.15 10.26 -10.48
CA ALA B 52 -3.86 8.83 -10.38
C ALA B 52 -4.27 8.21 -9.05
N SER B 53 -4.29 9.01 -8.00
CA SER B 53 -4.71 8.55 -6.68
C SER B 53 -6.18 8.20 -6.61
N ARG B 54 -7.00 8.86 -7.44
CA ARG B 54 -8.46 8.66 -7.44
C ARG B 54 -8.76 7.22 -7.79
N LEU B 55 -9.76 6.62 -7.14
CA LEU B 55 -10.16 5.27 -7.47
C LEU B 55 -10.89 5.31 -8.79
N TRP B 56 -10.34 4.57 -9.75
CA TRP B 56 -10.82 4.52 -11.11
C TRP B 56 -11.53 3.20 -11.30
N PHE B 57 -12.75 3.23 -11.85
CA PHE B 57 -13.48 1.98 -12.11
C PHE B 57 -13.89 1.92 -13.56
N THR B 58 -13.48 0.85 -14.23
CA THR B 58 -13.71 0.68 -15.67
C THR B 58 -14.62 -0.50 -15.88
N TYR B 59 -15.08 -0.69 -17.11
CA TYR B 59 -15.69 -1.97 -17.45
C TYR B 59 -14.80 -3.10 -16.91
N ARG B 60 -15.43 -4.19 -16.45
CA ARG B 60 -14.74 -5.41 -16.05
C ARG B 60 -15.29 -6.63 -16.80
N LYS B 61 -14.48 -7.70 -16.90
CA LYS B 61 -14.95 -8.95 -17.52
C LYS B 61 -14.65 -10.16 -16.63
N ASN B 62 -15.41 -11.24 -16.84
CA ASN B 62 -15.25 -12.47 -16.09
C ASN B 62 -15.39 -12.33 -14.58
N PHE B 63 -16.32 -11.48 -14.15
CA PHE B 63 -16.75 -11.52 -12.75
C PHE B 63 -17.92 -12.52 -12.62
N PRO B 64 -18.23 -13.01 -11.40
CA PRO B 64 -19.36 -13.95 -11.29
C PRO B 64 -20.65 -13.42 -11.92
N ALA B 65 -21.39 -14.29 -12.61
CA ALA B 65 -22.63 -13.91 -13.29
C ALA B 65 -23.59 -13.20 -12.33
N ILE B 66 -24.12 -12.07 -12.78
CA ILE B 66 -24.93 -11.21 -11.90
C ILE B 66 -26.22 -11.90 -11.43
N GLY B 67 -27.08 -12.31 -12.36
CA GLY B 67 -28.28 -13.05 -11.93
C GLY B 67 -27.92 -14.34 -11.20
N GLY B 68 -26.69 -14.78 -11.37
CA GLY B 68 -26.36 -16.20 -11.24
C GLY B 68 -26.39 -16.69 -12.68
N THR B 69 -27.20 -16.03 -13.50
CA THR B 69 -27.39 -16.34 -14.92
C THR B 69 -27.27 -15.08 -15.79
N GLY B 70 -27.08 -13.92 -15.16
CA GLY B 70 -26.90 -12.66 -15.89
C GLY B 70 -25.45 -12.43 -16.31
N PRO B 71 -25.13 -11.22 -16.78
CA PRO B 71 -23.82 -10.88 -17.34
C PRO B 71 -22.63 -11.15 -16.44
N THR B 72 -21.50 -11.49 -17.06
CA THR B 72 -20.24 -11.71 -16.38
C THR B 72 -19.28 -10.56 -16.75
N SER B 73 -19.79 -9.63 -17.57
CA SER B 73 -19.14 -8.39 -17.95
C SER B 73 -20.16 -7.24 -18.11
N ASP B 74 -19.71 -6.01 -17.84
CA ASP B 74 -20.56 -4.82 -18.04
C ASP B 74 -20.18 -3.97 -19.24
N THR B 75 -19.21 -4.43 -20.04
CA THR B 75 -18.83 -3.72 -21.27
C THR B 75 -20.07 -3.35 -22.10
N GLY B 76 -20.17 -2.10 -22.52
CA GLY B 76 -21.27 -1.66 -23.33
C GLY B 76 -22.56 -1.31 -22.59
N TRP B 77 -22.59 -1.48 -21.27
CA TRP B 77 -23.79 -1.08 -20.52
C TRP B 77 -23.55 -0.42 -19.15
N GLY B 78 -22.41 -0.72 -18.54
CA GLY B 78 -22.15 -0.34 -17.17
C GLY B 78 -21.58 1.06 -16.92
N CYS B 79 -21.34 1.83 -17.99
CA CYS B 79 -20.48 3.02 -17.86
C CYS B 79 -20.95 4.09 -16.87
N MET B 80 -22.25 4.36 -16.79
CA MET B 80 -22.75 5.33 -15.79
C MET B 80 -22.67 4.71 -14.38
N LEU B 81 -22.83 3.39 -14.31
CA LEU B 81 -22.67 2.68 -13.04
C LEU B 81 -21.23 2.82 -12.53
N ARG B 82 -20.26 2.71 -13.45
CA ARG B 82 -18.84 2.88 -13.11
C ARG B 82 -18.52 4.32 -12.69
N CYS B 83 -19.17 5.28 -13.32
CA CYS B 83 -19.00 6.69 -12.91
C CYS B 83 -19.61 6.92 -11.52
N GLY B 84 -20.79 6.36 -11.29
CA GLY B 84 -21.38 6.30 -9.92
C GLY B 84 -20.43 5.68 -8.91
N GLN B 85 -19.81 4.55 -9.26
CA GLN B 85 -18.80 3.95 -8.36
C GLN B 85 -17.64 4.90 -8.08
N MET B 86 -17.17 5.60 -9.11
CA MET B 86 -16.02 6.49 -8.91
C MET B 86 -16.36 7.68 -8.00
N ILE B 87 -17.52 8.30 -8.19
CA ILE B 87 -17.83 9.46 -7.35
C ILE B 87 -18.06 9.01 -5.90
N PHE B 88 -18.71 7.86 -5.72
CA PHE B 88 -18.98 7.36 -4.38
C PHE B 88 -17.72 6.84 -3.69
N ALA B 89 -16.80 6.26 -4.45
CA ALA B 89 -15.51 5.85 -3.89
C ALA B 89 -14.73 7.05 -3.39
N GLN B 90 -14.78 8.16 -4.13
CA GLN B 90 -14.05 9.36 -3.75
C GLN B 90 -14.62 9.88 -2.43
N ALA B 91 -15.94 9.78 -2.27
CA ALA B 91 -16.59 10.10 -0.98
C ALA B 91 -16.06 9.20 0.16
N LEU B 92 -15.95 7.90 -0.12
CA LEU B 92 -15.40 6.96 0.86
C LEU B 92 -13.93 7.24 1.17
N VAL B 93 -13.15 7.62 0.15
CA VAL B 93 -11.74 7.99 0.34
C VAL B 93 -11.64 9.19 1.27
N CYS B 94 -12.47 10.20 1.01
CA CYS B 94 -12.51 11.36 1.91
C CYS B 94 -12.97 11.01 3.32
N ARG B 95 -13.96 10.10 3.41
CA ARG B 95 -14.52 9.68 4.69
C ARG B 95 -13.53 8.90 5.55
N HIS B 96 -12.76 8.01 4.94
CA HIS B 96 -11.88 7.09 5.67
C HIS B 96 -10.40 7.45 5.61
N LEU B 97 -9.98 8.09 4.53
CA LEU B 97 -8.56 8.33 4.29
C LEU B 97 -8.23 9.81 4.33
N GLY B 98 -9.15 10.64 3.85
CA GLY B 98 -8.96 12.08 3.85
C GLY B 98 -8.63 12.58 2.47
N ARG B 99 -8.92 13.86 2.23
CA ARG B 99 -8.69 14.47 0.92
C ARG B 99 -7.21 14.59 0.59
N ASP B 100 -6.37 14.62 1.61
CA ASP B 100 -4.92 14.71 1.45
C ASP B 100 -4.23 13.39 1.11
N TRP B 101 -4.93 12.26 1.29
CA TRP B 101 -4.41 10.96 0.90
C TRP B 101 -4.01 10.88 -0.59
N ARG B 102 -2.88 10.20 -0.85
CA ARG B 102 -2.37 9.97 -2.21
C ARG B 102 -1.90 8.53 -2.33
N TRP B 103 -2.02 7.99 -3.53
CA TRP B 103 -1.63 6.63 -3.83
C TRP B 103 -0.28 6.64 -4.53
N THR B 104 0.63 5.80 -4.05
CA THR B 104 1.98 5.71 -4.60
C THR B 104 2.27 4.24 -4.66
N GLN B 105 2.85 3.80 -5.77
CA GLN B 105 3.49 2.48 -5.80
C GLN B 105 4.68 2.43 -4.83
N ARG B 106 5.04 1.22 -4.42
CA ARG B 106 6.17 0.99 -3.51
C ARG B 106 5.97 1.53 -2.11
N LYS B 107 4.73 1.90 -1.79
CA LYS B 107 4.36 2.28 -0.42
C LYS B 107 3.22 1.40 0.10
N ARG B 108 3.15 1.25 1.41
CA ARG B 108 2.09 0.45 2.00
C ARG B 108 0.92 1.39 2.28
N GLN B 109 -0.23 1.10 1.71
CA GLN B 109 -1.42 1.91 1.93
C GLN B 109 -2.13 1.50 3.21
N PRO B 110 -2.90 2.41 3.82
CA PRO B 110 -3.59 2.01 5.07
C PRO B 110 -4.59 0.87 4.85
N ASP B 111 -4.86 0.09 5.90
CA ASP B 111 -5.85 -0.99 5.80
C ASP B 111 -7.22 -0.46 5.39
N SER B 112 -7.59 0.74 5.81
CA SER B 112 -8.86 1.36 5.39
C SER B 112 -8.92 1.55 3.86
N TYR B 113 -7.76 1.77 3.24
CA TYR B 113 -7.70 1.86 1.77
C TYR B 113 -8.17 0.59 1.09
N PHE B 114 -7.70 -0.57 1.57
CA PHE B 114 -8.10 -1.82 0.93
C PHE B 114 -9.56 -2.14 1.20
N SER B 115 -10.08 -1.70 2.34
CA SER B 115 -11.52 -1.88 2.66
C SER B 115 -12.40 -1.04 1.76
N VAL B 116 -12.00 0.21 1.48
CA VAL B 116 -12.72 1.03 0.53
C VAL B 116 -12.73 0.33 -0.82
N LEU B 117 -11.55 -0.05 -1.31
CA LEU B 117 -11.46 -0.65 -2.62
C LEU B 117 -12.28 -1.92 -2.65
N ASN B 118 -12.16 -2.73 -1.60
CA ASN B 118 -12.93 -3.97 -1.48
C ASN B 118 -14.43 -3.72 -1.62
N ALA B 119 -14.89 -2.52 -1.27
CA ALA B 119 -16.33 -2.20 -1.41
C ALA B 119 -16.84 -2.04 -2.86
N PHE B 120 -15.92 -2.04 -3.83
CA PHE B 120 -16.24 -1.80 -5.23
C PHE B 120 -15.80 -2.94 -6.17
N ILE B 121 -15.19 -3.98 -5.60
CA ILE B 121 -14.81 -5.19 -6.32
C ILE B 121 -16.04 -5.87 -6.92
N ASP B 122 -15.85 -6.57 -8.03
CA ASP B 122 -16.94 -7.11 -8.80
C ASP B 122 -17.40 -8.47 -8.26
N ARG B 123 -17.97 -8.43 -7.05
CA ARG B 123 -18.52 -9.59 -6.34
C ARG B 123 -19.76 -9.16 -5.57
N LYS B 124 -20.75 -10.05 -5.45
CA LYS B 124 -22.03 -9.69 -4.81
C LYS B 124 -21.93 -9.30 -3.33
N ASP B 125 -20.86 -9.70 -2.67
CA ASP B 125 -20.68 -9.38 -1.26
C ASP B 125 -20.01 -8.03 -1.01
N SER B 126 -19.67 -7.29 -2.08
CA SER B 126 -19.18 -5.90 -1.96
C SER B 126 -20.36 -4.92 -1.98
N TYR B 127 -20.39 -3.95 -1.06
CA TYR B 127 -21.52 -3.00 -0.93
C TYR B 127 -21.95 -2.29 -2.22
N TYR B 128 -20.96 -1.86 -3.01
CA TYR B 128 -21.24 -1.07 -4.20
C TYR B 128 -20.65 -1.72 -5.45
N SER B 129 -20.58 -3.05 -5.45
CA SER B 129 -20.21 -3.79 -6.64
C SER B 129 -21.16 -3.52 -7.77
N ILE B 130 -20.71 -3.71 -9.01
CA ILE B 130 -21.61 -3.70 -10.16
C ILE B 130 -22.83 -4.64 -9.97
N HIS B 131 -22.63 -5.78 -9.29
CA HIS B 131 -23.74 -6.72 -8.99
C HIS B 131 -24.84 -6.04 -8.19
N GLN B 132 -24.48 -5.42 -7.08
CA GLN B 132 -25.40 -4.76 -6.17
C GLN B 132 -26.07 -3.54 -6.80
N ILE B 133 -25.30 -2.76 -7.55
CA ILE B 133 -25.83 -1.60 -8.29
C ILE B 133 -26.89 -2.01 -9.32
N ALA B 134 -26.54 -3.00 -10.15
CA ALA B 134 -27.42 -3.47 -11.23
C ALA B 134 -28.72 -4.04 -10.68
N GLN B 135 -28.61 -4.90 -9.67
CA GLN B 135 -29.74 -5.51 -8.98
C GLN B 135 -30.61 -4.45 -8.28
N MET B 136 -29.99 -3.54 -7.54
CA MET B 136 -30.73 -2.48 -6.88
C MET B 136 -31.46 -1.60 -7.89
N GLY B 137 -30.86 -1.39 -9.06
CA GLY B 137 -31.47 -0.58 -10.11
C GLY B 137 -32.79 -1.09 -10.66
N VAL B 138 -32.97 -2.42 -10.60
CA VAL B 138 -34.23 -3.05 -11.01
C VAL B 138 -35.37 -2.47 -10.18
N GLY B 139 -35.18 -2.40 -8.87
CA GLY B 139 -36.15 -1.76 -7.96
C GLY B 139 -36.40 -0.30 -8.30
N GLU B 140 -35.57 0.25 -9.19
CA GLU B 140 -35.65 1.63 -9.60
C GLU B 140 -36.30 1.77 -10.98
N GLY B 141 -36.67 0.65 -11.58
CA GLY B 141 -37.37 0.63 -12.85
C GLY B 141 -36.48 0.31 -14.04
N LYS B 142 -35.22 -0.04 -13.76
CA LYS B 142 -34.20 -0.25 -14.79
C LYS B 142 -33.72 -1.71 -14.83
N SER B 143 -33.85 -2.34 -15.99
CA SER B 143 -33.38 -3.70 -16.17
C SER B 143 -31.86 -3.71 -16.19
N ILE B 144 -31.29 -4.77 -15.62
CA ILE B 144 -29.87 -5.04 -15.74
C ILE B 144 -29.54 -4.97 -17.23
N GLY B 145 -28.87 -3.90 -17.64
CA GLY B 145 -28.55 -3.65 -19.05
C GLY B 145 -29.05 -2.35 -19.63
N GLN B 146 -30.07 -1.74 -19.01
CA GLN B 146 -30.66 -0.49 -19.49
C GLN B 146 -29.85 0.74 -19.06
N TRP B 147 -30.08 1.87 -19.73
CA TRP B 147 -29.33 3.11 -19.45
C TRP B 147 -29.78 3.80 -18.14
N TYR B 148 -28.78 4.15 -17.32
CA TYR B 148 -29.01 4.95 -16.12
C TYR B 148 -28.55 6.37 -16.38
N GLY B 149 -29.41 7.34 -16.08
CA GLY B 149 -28.98 8.72 -15.97
C GLY B 149 -28.35 8.92 -14.60
N PRO B 150 -27.76 10.11 -14.35
CA PRO B 150 -27.14 10.42 -13.07
C PRO B 150 -28.09 10.28 -11.87
N ASN B 151 -29.36 10.66 -12.03
CA ASN B 151 -30.30 10.53 -10.91
C ASN B 151 -30.57 9.10 -10.49
N THR B 152 -30.76 8.22 -11.44
CA THR B 152 -31.00 6.83 -11.10
C THR B 152 -29.79 6.25 -10.36
N VAL B 153 -28.58 6.52 -10.86
CA VAL B 153 -27.39 5.99 -10.20
C VAL B 153 -27.28 6.55 -8.78
N ALA B 154 -27.59 7.83 -8.62
CA ALA B 154 -27.54 8.47 -7.29
C ALA B 154 -28.53 7.82 -6.33
N GLN B 155 -29.76 7.57 -6.81
CA GLN B 155 -30.76 6.92 -5.98
C GLN B 155 -30.34 5.52 -5.57
N VAL B 156 -29.69 4.80 -6.48
CA VAL B 156 -29.20 3.48 -6.17
C VAL B 156 -28.12 3.52 -5.08
N LEU B 157 -27.16 4.43 -5.21
CA LEU B 157 -26.08 4.52 -4.22
C LEU B 157 -26.64 4.83 -2.84
N LYS B 158 -27.65 5.69 -2.77
CA LYS B 158 -28.33 5.93 -1.48
C LYS B 158 -28.82 4.64 -0.81
N LYS B 159 -29.58 3.84 -1.55
CA LYS B 159 -30.12 2.60 -0.98
C LYS B 159 -29.02 1.61 -0.62
N LEU B 160 -27.92 1.62 -1.38
CA LEU B 160 -26.85 0.67 -1.14
C LEU B 160 -26.05 1.00 0.09
N ALA B 161 -25.90 2.29 0.37
CA ALA B 161 -25.07 2.75 1.47
C ALA B 161 -25.69 2.44 2.85
N VAL B 162 -27.00 2.17 2.87
CA VAL B 162 -27.71 1.76 4.09
C VAL B 162 -27.05 0.54 4.74
N PHE B 163 -26.61 -0.42 3.93
CA PHE B 163 -25.94 -1.62 4.42
C PHE B 163 -24.54 -1.39 4.96
N ASP B 164 -23.93 -0.27 4.57
CA ASP B 164 -22.52 -0.01 4.85
C ASP B 164 -22.39 0.68 6.19
N THR B 165 -22.42 -0.15 7.23
CA THR B 165 -22.30 0.34 8.60
C THR B 165 -20.89 0.75 8.99
N TRP B 166 -19.90 0.35 8.19
CA TRP B 166 -18.53 0.80 8.39
C TRP B 166 -18.42 2.31 8.11
N SER B 167 -18.87 2.74 6.95
CA SER B 167 -18.78 4.16 6.55
C SER B 167 -19.83 4.99 7.25
N SER B 168 -21.01 4.38 7.44
CA SER B 168 -22.18 5.02 8.06
C SER B 168 -22.46 6.42 7.51
N LEU B 169 -22.63 6.48 6.19
CA LEU B 169 -22.84 7.71 5.46
C LEU B 169 -24.30 8.05 5.36
N ALA B 170 -24.58 9.33 5.25
CA ALA B 170 -25.90 9.80 4.93
C ALA B 170 -25.84 10.25 3.47
N VAL B 171 -26.75 9.76 2.63
CA VAL B 171 -26.78 10.19 1.23
C VAL B 171 -28.05 11.00 0.94
N HIS B 172 -27.86 12.27 0.56
CA HIS B 172 -29.01 13.10 0.21
C HIS B 172 -29.00 13.44 -1.26
N ILE B 173 -30.09 13.09 -1.95
CA ILE B 173 -30.25 13.48 -3.34
C ILE B 173 -31.24 14.64 -3.44
N ALA B 174 -30.70 15.83 -3.71
CA ALA B 174 -31.46 17.04 -3.69
C ALA B 174 -32.13 17.28 -5.04
N MET B 175 -33.42 16.96 -5.10
CA MET B 175 -34.25 17.21 -6.28
C MET B 175 -34.82 18.63 -6.27
N ASP B 176 -35.54 19.00 -7.33
CA ASP B 176 -36.17 20.33 -7.45
C ASP B 176 -35.17 21.49 -7.36
N ASN B 177 -33.91 21.23 -7.75
CA ASN B 177 -32.86 22.24 -7.68
C ASN B 177 -32.78 22.97 -6.32
N THR B 178 -33.19 22.27 -5.26
CA THR B 178 -33.21 22.87 -3.93
C THR B 178 -32.53 21.97 -2.91
N VAL B 179 -31.60 22.54 -2.16
CA VAL B 179 -31.01 21.89 -0.98
C VAL B 179 -31.61 22.49 0.30
N VAL B 180 -32.36 21.67 1.03
CA VAL B 180 -33.06 22.14 2.23
C VAL B 180 -32.25 21.80 3.48
N MET B 181 -31.72 22.83 4.13
CA MET B 181 -30.78 22.63 5.26
C MET B 181 -31.37 21.83 6.40
N GLU B 182 -32.65 22.05 6.73
CA GLU B 182 -33.29 21.28 7.80
C GLU B 182 -33.34 19.80 7.43
N GLU B 183 -33.64 19.50 6.17
CA GLU B 183 -33.66 18.10 5.72
C GLU B 183 -32.27 17.43 5.89
N ILE B 184 -31.20 18.18 5.62
CA ILE B 184 -29.82 17.68 5.78
C ILE B 184 -29.52 17.39 7.26
N ARG B 185 -29.91 18.33 8.12
CA ARG B 185 -29.73 18.11 9.55
C ARG B 185 -30.56 16.92 10.04
N ARG B 186 -31.81 16.80 9.56
CA ARG B 186 -32.68 15.67 9.90
C ARG B 186 -32.00 14.34 9.53
N LEU B 187 -31.31 14.36 8.39
CA LEU B 187 -30.67 13.14 7.87
C LEU B 187 -29.40 12.80 8.62
N CYS B 188 -28.62 13.83 8.94
CA CYS B 188 -27.25 13.64 9.42
C CYS B 188 -27.04 13.62 10.93
N ARG B 189 -27.87 14.33 11.67
CA ARG B 189 -27.74 14.35 13.13
C ARG B 189 -28.03 12.96 13.70
N THR B 190 -27.10 12.45 14.47
CA THR B 190 -27.29 11.17 15.14
C THR B 190 -27.84 11.40 16.56
N SER B 191 -27.51 12.56 17.12
CA SER B 191 -27.94 12.96 18.47
C SER B 191 -27.93 14.48 18.59
N VAL B 192 -28.55 15.00 19.65
CA VAL B 192 -28.48 16.43 19.95
C VAL B 192 -27.01 16.81 20.24
N PRO B 193 -26.47 17.81 19.52
CA PRO B 193 -25.08 18.28 19.70
C PRO B 193 -24.78 18.78 21.13
N CYS B 194 -23.85 18.10 21.81
CA CYS B 194 -23.46 18.47 23.18
C CYS B 194 -22.28 19.44 23.17
N ALA B 195 -22.52 20.66 23.65
CA ALA B 195 -21.48 21.67 23.79
C ALA B 195 -21.19 21.97 25.27
N PRO B 221 -17.06 9.42 18.97
CA PRO B 221 -17.69 10.06 17.82
C PRO B 221 -18.78 9.16 17.17
N SER B 222 -19.75 9.73 16.45
CA SER B 222 -19.84 11.17 16.14
C SER B 222 -21.31 11.60 16.04
N PRO B 223 -21.58 12.93 16.13
CA PRO B 223 -22.94 13.45 16.15
C PRO B 223 -23.53 13.67 14.75
N TRP B 224 -22.73 13.43 13.72
CA TRP B 224 -23.07 13.77 12.34
C TRP B 224 -22.63 12.63 11.40
N ARG B 225 -23.57 12.04 10.69
CA ARG B 225 -23.23 11.06 9.66
C ARG B 225 -22.62 11.82 8.50
N PRO B 226 -21.36 11.50 8.12
CA PRO B 226 -20.74 12.18 6.97
C PRO B 226 -21.67 12.18 5.78
N LEU B 227 -21.79 13.33 5.13
CA LEU B 227 -22.84 13.50 4.15
C LEU B 227 -22.30 13.46 2.72
N VAL B 228 -22.90 12.60 1.91
CA VAL B 228 -22.72 12.65 0.45
C VAL B 228 -23.96 13.33 -0.13
N LEU B 229 -23.79 14.56 -0.61
CA LEU B 229 -24.87 15.32 -1.22
C LEU B 229 -24.75 15.25 -2.72
N LEU B 230 -25.80 14.76 -3.40
CA LEU B 230 -25.79 14.65 -4.86
C LEU B 230 -26.96 15.47 -5.37
N ILE B 231 -26.66 16.31 -6.34
CA ILE B 231 -27.63 17.26 -6.91
C ILE B 231 -27.76 17.01 -8.42
N PRO B 232 -28.82 16.29 -8.83
CA PRO B 232 -29.10 16.13 -10.26
C PRO B 232 -29.55 17.46 -10.87
N LEU B 233 -29.05 17.70 -12.08
CA LEU B 233 -29.24 18.95 -12.81
C LEU B 233 -29.42 18.67 -14.30
N ARG B 234 -30.19 19.52 -14.97
CA ARG B 234 -30.33 19.52 -16.42
C ARG B 234 -30.05 20.94 -16.89
N LEU B 235 -28.87 21.17 -17.45
CA LEU B 235 -28.36 22.53 -17.66
C LEU B 235 -28.57 23.11 -19.05
N GLY B 236 -29.46 22.49 -19.82
CA GLY B 236 -29.70 22.92 -21.18
C GLY B 236 -30.57 21.93 -21.91
N LEU B 237 -31.01 22.28 -23.11
CA LEU B 237 -31.85 21.37 -23.88
C LEU B 237 -31.00 20.27 -24.51
N THR B 238 -29.94 20.66 -25.19
CA THR B 238 -28.98 19.71 -25.76
C THR B 238 -27.53 20.12 -25.47
N ASP B 239 -27.33 21.41 -25.21
CA ASP B 239 -26.06 21.96 -24.76
C ASP B 239 -26.21 22.47 -23.32
N ILE B 240 -25.09 22.68 -22.64
CA ILE B 240 -25.09 23.40 -21.38
C ILE B 240 -25.25 24.90 -21.65
N ASN B 241 -26.24 25.53 -21.03
CA ASN B 241 -26.37 26.99 -21.13
C ASN B 241 -25.12 27.66 -20.57
N GLU B 242 -24.56 28.57 -21.36
CA GLU B 242 -23.26 29.15 -21.01
C GLU B 242 -23.29 30.07 -19.78
N ALA B 243 -24.50 30.47 -19.37
CA ALA B 243 -24.67 31.20 -18.11
C ALA B 243 -24.34 30.32 -16.90
N TYR B 244 -24.50 29.00 -17.06
CA TYR B 244 -24.17 28.02 -16.01
C TYR B 244 -22.69 27.68 -15.90
N VAL B 245 -21.89 28.06 -16.90
CA VAL B 245 -20.49 27.63 -16.96
C VAL B 245 -19.65 28.07 -15.75
N GLU B 246 -19.74 29.34 -15.37
CA GLU B 246 -18.96 29.82 -14.24
C GLU B 246 -19.42 29.15 -12.92
N THR B 247 -20.71 28.88 -12.81
CA THR B 247 -21.22 28.20 -11.61
C THR B 247 -20.71 26.76 -11.54
N LEU B 248 -20.62 26.11 -12.70
CA LEU B 248 -20.12 24.75 -12.80
C LEU B 248 -18.66 24.67 -12.37
N LYS B 249 -17.86 25.63 -12.84
CA LYS B 249 -16.45 25.68 -12.48
C LYS B 249 -16.31 25.75 -10.96
N HIS B 250 -17.07 26.65 -10.34
CA HIS B 250 -16.95 26.83 -8.89
C HIS B 250 -17.35 25.62 -8.08
N CYS B 251 -18.17 24.76 -8.68
CA CYS B 251 -18.52 23.45 -8.09
C CYS B 251 -17.30 22.56 -7.91
N PHE B 252 -16.29 22.75 -8.73
CA PHE B 252 -15.02 22.01 -8.58
C PHE B 252 -14.03 22.72 -7.68
N MET B 253 -14.40 23.92 -7.22
CA MET B 253 -13.47 24.75 -6.46
C MET B 253 -13.71 24.77 -4.97
N MET B 254 -14.62 23.91 -4.50
CA MET B 254 -14.95 23.86 -3.07
C MET B 254 -14.18 22.75 -2.34
N PRO B 255 -13.82 22.95 -1.07
CA PRO B 255 -13.16 21.87 -0.35
C PRO B 255 -13.95 20.56 -0.36
N GLN B 256 -15.27 20.68 -0.51
CA GLN B 256 -16.21 19.56 -0.42
C GLN B 256 -16.47 18.92 -1.78
N SER B 257 -15.87 19.47 -2.85
CA SER B 257 -16.16 19.00 -4.20
C SER B 257 -15.82 17.54 -4.36
N LEU B 258 -16.80 16.75 -4.82
CA LEU B 258 -16.61 15.37 -5.24
C LEU B 258 -16.61 15.24 -6.76
N GLY B 259 -16.82 16.37 -7.46
CA GLY B 259 -16.96 16.33 -8.93
C GLY B 259 -18.36 16.11 -9.44
N VAL B 260 -18.46 15.69 -10.69
CA VAL B 260 -19.71 15.62 -11.42
C VAL B 260 -19.75 14.31 -12.18
N ILE B 261 -20.90 13.65 -12.22
CA ILE B 261 -21.06 12.53 -13.14
C ILE B 261 -22.01 12.98 -14.23
N GLY B 262 -21.77 12.49 -15.44
CA GLY B 262 -22.52 12.95 -16.60
C GLY B 262 -22.21 12.19 -17.86
N GLY B 263 -23.05 12.40 -18.87
CA GLY B 263 -23.27 11.50 -20.03
C GLY B 263 -24.79 11.52 -20.21
N LYS B 264 -25.33 11.31 -21.43
CA LYS B 264 -24.69 10.81 -22.65
C LYS B 264 -24.65 9.29 -22.70
N PRO B 265 -25.71 8.68 -23.23
CA PRO B 265 -25.89 7.23 -23.29
C PRO B 265 -25.48 6.57 -24.62
N ASN B 266 -24.24 6.10 -24.77
CA ASN B 266 -23.10 6.33 -23.88
C ASN B 266 -22.39 7.52 -24.57
N SER B 267 -21.43 8.23 -23.94
CA SER B 267 -20.53 7.72 -22.91
C SER B 267 -20.45 8.56 -21.63
N ALA B 268 -20.53 7.88 -20.50
CA ALA B 268 -20.55 8.55 -19.19
C ALA B 268 -19.14 8.87 -18.75
N HIS B 269 -18.96 10.00 -18.07
CA HIS B 269 -17.67 10.32 -17.46
C HIS B 269 -17.83 10.78 -16.01
N TYR B 270 -16.73 10.67 -15.27
CA TYR B 270 -16.61 11.25 -13.93
C TYR B 270 -15.67 12.46 -14.04
N PHE B 271 -16.25 13.65 -14.03
CA PHE B 271 -15.46 14.89 -14.08
C PHE B 271 -14.90 15.23 -12.71
N ILE B 272 -13.59 15.38 -12.62
CA ILE B 272 -12.94 15.61 -11.35
C ILE B 272 -12.38 17.02 -11.25
N GLY B 273 -12.45 17.78 -12.34
CA GLY B 273 -11.94 19.14 -12.28
C GLY B 273 -12.02 19.86 -13.60
N TYR B 274 -11.22 20.93 -13.70
CA TYR B 274 -11.15 21.72 -14.90
C TYR B 274 -9.83 22.50 -15.00
N VAL B 275 -9.51 22.89 -16.23
CA VAL B 275 -8.44 23.85 -16.52
C VAL B 275 -8.89 24.66 -17.74
N GLY B 276 -8.94 25.98 -17.61
CA GLY B 276 -9.43 26.82 -18.71
C GLY B 276 -10.89 26.54 -18.99
N GLU B 277 -11.19 26.22 -20.25
CA GLU B 277 -12.55 25.94 -20.67
C GLU B 277 -12.78 24.45 -20.91
N GLU B 278 -11.99 23.63 -20.22
CA GLU B 278 -12.09 22.18 -20.33
C GLU B 278 -12.32 21.55 -18.96
N LEU B 279 -13.13 20.51 -18.92
CA LEU B 279 -13.19 19.64 -17.75
C LEU B 279 -12.18 18.49 -17.83
N ILE B 280 -11.61 18.12 -16.69
CA ILE B 280 -10.74 16.97 -16.53
C ILE B 280 -11.61 15.82 -15.99
N TYR B 281 -11.48 14.63 -16.59
CA TYR B 281 -12.33 13.50 -16.21
C TYR B 281 -11.63 12.15 -16.19
N LEU B 282 -12.23 11.22 -15.45
CA LEU B 282 -11.86 9.81 -15.50
C LEU B 282 -12.88 9.08 -16.39
N ASP B 283 -12.39 8.16 -17.21
CA ASP B 283 -13.23 7.55 -18.25
C ASP B 283 -13.25 6.03 -18.03
N PRO B 284 -14.44 5.42 -17.93
CA PRO B 284 -14.55 4.00 -17.62
C PRO B 284 -14.45 3.07 -18.85
N HIS B 285 -14.27 3.64 -20.04
CA HIS B 285 -14.52 2.88 -21.27
C HIS B 285 -13.35 2.02 -21.76
N THR B 286 -12.94 1.08 -20.91
CA THR B 286 -11.97 0.05 -21.26
C THR B 286 -12.24 -1.19 -20.40
N THR B 287 -12.14 -2.38 -20.98
CA THR B 287 -12.57 -3.58 -20.30
C THR B 287 -11.37 -4.27 -19.69
N GLN B 288 -11.35 -4.39 -18.37
CA GLN B 288 -10.22 -5.03 -17.70
C GLN B 288 -10.65 -6.31 -17.02
N PRO B 289 -9.74 -7.29 -16.90
CA PRO B 289 -10.12 -8.52 -16.18
C PRO B 289 -10.46 -8.21 -14.72
N ALA B 290 -11.50 -8.86 -14.21
CA ALA B 290 -11.82 -8.80 -12.79
C ALA B 290 -10.63 -9.26 -11.94
N VAL B 291 -10.42 -8.59 -10.81
CA VAL B 291 -9.34 -8.88 -9.88
C VAL B 291 -9.80 -9.96 -8.90
N GLU B 292 -9.04 -11.04 -8.84
CA GLU B 292 -9.48 -12.31 -8.23
C GLU B 292 -9.48 -12.31 -6.70
N PRO B 293 -10.07 -13.36 -6.09
CA PRO B 293 -10.20 -13.57 -4.65
C PRO B 293 -9.32 -12.69 -3.74
N THR B 294 -9.98 -11.93 -2.88
CA THR B 294 -9.33 -11.02 -1.94
C THR B 294 -8.70 -11.80 -0.77
N ASP B 295 -7.52 -11.35 -0.34
CA ASP B 295 -6.83 -11.91 0.81
C ASP B 295 -7.01 -11.05 2.06
N GLY B 296 -6.43 -11.49 3.17
CA GLY B 296 -6.44 -10.76 4.45
C GLY B 296 -6.96 -9.35 4.29
N CYS B 297 -6.15 -8.50 3.64
CA CYS B 297 -6.64 -7.20 3.16
C CYS B 297 -5.92 -6.74 1.89
N PHE B 298 -4.77 -7.31 1.57
CA PHE B 298 -4.07 -6.94 0.34
C PHE B 298 -4.88 -7.31 -0.93
N ILE B 299 -4.97 -6.34 -1.85
CA ILE B 299 -5.53 -6.53 -3.19
C ILE B 299 -4.62 -5.85 -4.21
N PRO B 300 -4.23 -6.56 -5.31
CA PRO B 300 -3.45 -5.91 -6.35
C PRO B 300 -4.28 -4.81 -7.00
N ASP B 301 -3.79 -3.58 -6.92
CA ASP B 301 -4.65 -2.44 -7.15
C ASP B 301 -4.25 -1.50 -8.28
N GLU B 302 -3.27 -1.91 -9.08
CA GLU B 302 -2.76 -1.01 -10.12
C GLU B 302 -3.82 -0.69 -11.16
N SER B 303 -4.74 -1.63 -11.41
CA SER B 303 -5.78 -1.41 -12.40
C SER B 303 -6.91 -0.47 -11.92
N PHE B 304 -6.85 -0.05 -10.65
CA PHE B 304 -7.85 0.88 -10.11
C PHE B 304 -7.32 2.31 -10.03
N HIS B 305 -6.24 2.58 -10.77
CA HIS B 305 -5.59 3.88 -10.70
C HIS B 305 -5.19 4.28 -12.10
N CYS B 306 -5.77 5.39 -12.56
CA CYS B 306 -5.62 5.78 -13.94
C CYS B 306 -4.26 6.43 -14.08
N GLN B 307 -3.40 5.81 -14.89
CA GLN B 307 -2.03 6.24 -15.06
C GLN B 307 -1.81 6.98 -16.39
N HIS B 308 -2.79 6.94 -17.28
CA HIS B 308 -2.66 7.59 -18.60
C HIS B 308 -2.80 9.12 -18.49
N PRO B 309 -2.47 9.88 -19.57
CA PRO B 309 -2.58 11.34 -19.42
C PRO B 309 -4.05 11.70 -19.25
N PRO B 310 -4.36 12.59 -18.27
CA PRO B 310 -5.75 12.82 -17.87
C PRO B 310 -6.62 13.31 -19.03
N CYS B 311 -7.79 12.70 -19.19
CA CYS B 311 -8.74 13.10 -20.22
C CYS B 311 -9.28 14.50 -19.99
N ARG B 312 -9.48 15.23 -21.09
CA ARG B 312 -10.08 16.55 -21.04
C ARG B 312 -11.06 16.70 -22.18
N MET B 313 -12.13 17.46 -21.96
CA MET B 313 -13.05 17.82 -23.04
C MET B 313 -13.55 19.24 -22.82
N SER B 314 -13.98 19.90 -23.90
CA SER B 314 -14.57 21.25 -23.79
C SER B 314 -15.82 21.22 -22.93
N ILE B 315 -15.94 22.19 -22.02
CA ILE B 315 -17.17 22.37 -21.23
C ILE B 315 -18.40 22.46 -22.15
N ALA B 316 -18.21 23.08 -23.31
CA ALA B 316 -19.24 23.21 -24.34
C ALA B 316 -19.71 21.88 -24.94
N GLU B 317 -18.89 20.84 -24.83
CA GLU B 317 -19.25 19.53 -25.36
C GLU B 317 -20.00 18.67 -24.34
N LEU B 318 -20.10 19.17 -23.11
CA LEU B 318 -20.77 18.45 -22.01
C LEU B 318 -22.27 18.28 -22.18
N ASP B 319 -22.76 17.04 -22.14
CA ASP B 319 -24.20 16.74 -22.11
C ASP B 319 -24.83 17.45 -20.91
N PRO B 320 -26.03 18.04 -21.11
CA PRO B 320 -26.68 18.83 -20.05
C PRO B 320 -27.21 18.08 -18.81
N SER B 321 -27.33 16.76 -18.88
CA SER B 321 -27.80 15.97 -17.74
C SER B 321 -26.61 15.51 -16.87
N ILE B 322 -26.57 16.01 -15.63
CA ILE B 322 -25.48 15.73 -14.70
C ILE B 322 -25.96 15.57 -13.26
N ALA B 323 -25.06 15.10 -12.39
CA ALA B 323 -25.23 15.19 -10.93
C ALA B 323 -23.93 15.68 -10.33
N VAL B 324 -24.02 16.76 -9.55
CA VAL B 324 -22.86 17.32 -8.87
C VAL B 324 -22.84 16.79 -7.46
N GLY B 325 -21.66 16.40 -6.98
CA GLY B 325 -21.55 15.85 -5.63
C GLY B 325 -20.73 16.69 -4.70
N PHE B 326 -21.09 16.64 -3.42
CA PHE B 326 -20.31 17.28 -2.37
C PHE B 326 -20.25 16.38 -1.16
N PHE B 327 -19.10 16.39 -0.49
CA PHE B 327 -18.92 15.58 0.71
C PHE B 327 -18.65 16.46 1.92
N CYS B 328 -19.48 16.30 2.95
CA CYS B 328 -19.35 17.08 4.18
C CYS B 328 -19.22 16.12 5.36
N LYS B 329 -17.99 15.92 5.83
CA LYS B 329 -17.71 14.88 6.83
C LYS B 329 -18.34 15.22 8.18
N THR B 330 -18.25 16.49 8.57
CA THR B 330 -18.82 16.98 9.82
C THR B 330 -19.83 18.08 9.56
N GLU B 331 -20.63 18.41 10.56
CA GLU B 331 -21.57 19.52 10.43
C GLU B 331 -20.85 20.83 10.09
N ASP B 332 -19.63 20.99 10.59
CA ASP B 332 -18.84 22.20 10.29
C ASP B 332 -18.50 22.28 8.81
N ASP B 333 -18.19 21.13 8.21
CA ASP B 333 -17.95 21.06 6.76
C ASP B 333 -19.20 21.50 6.03
N PHE B 334 -20.36 21.00 6.49
CA PHE B 334 -21.63 21.33 5.86
C PHE B 334 -21.91 22.82 5.96
N ASN B 335 -21.66 23.39 7.15
CA ASN B 335 -21.86 24.83 7.33
C ASN B 335 -20.93 25.63 6.40
N ASP B 336 -19.66 25.24 6.33
CA ASP B 336 -18.73 25.90 5.38
C ASP B 336 -19.21 25.77 3.94
N TRP B 337 -19.78 24.63 3.58
CA TRP B 337 -20.29 24.44 2.22
C TRP B 337 -21.45 25.38 1.94
N CYS B 338 -22.36 25.49 2.90
CA CYS B 338 -23.50 26.40 2.79
C CYS B 338 -23.06 27.85 2.57
N GLN B 339 -22.04 28.31 3.29
CA GLN B 339 -21.57 29.68 3.14
C GLN B 339 -20.92 29.92 1.76
N GLN B 340 -20.31 28.88 1.21
CA GLN B 340 -19.76 28.97 -0.15
C GLN B 340 -20.84 29.02 -1.22
N VAL B 341 -21.94 28.29 -1.01
CA VAL B 341 -23.08 28.35 -1.92
C VAL B 341 -23.73 29.74 -1.92
N LYS B 342 -23.86 30.33 -0.74
CA LYS B 342 -24.44 31.68 -0.60
C LYS B 342 -23.57 32.71 -1.33
N LYS B 343 -22.25 32.57 -1.17
CA LYS B 343 -21.26 33.41 -1.80
C LYS B 343 -21.27 33.35 -3.34
N LEU B 344 -21.76 32.26 -3.93
CA LEU B 344 -21.84 32.19 -5.39
C LEU B 344 -23.06 32.91 -6.00
N SER B 345 -23.79 33.63 -5.15
CA SER B 345 -24.87 34.51 -5.60
C SER B 345 -24.33 35.89 -5.98
N LEU B 346 -23.06 35.94 -6.39
CA LEU B 346 -22.41 37.18 -6.85
C LEU B 346 -21.50 36.95 -8.07
N LEU B 347 -20.34 37.62 -8.05
CA LEU B 347 -19.36 37.65 -9.15
C LEU B 347 -20.00 37.92 -10.53
N GLY B 348 -19.36 37.44 -11.60
CA GLY B 348 -19.90 37.61 -12.95
C GLY B 348 -20.99 36.62 -13.34
N GLY B 349 -21.56 35.95 -12.34
CA GLY B 349 -22.60 34.95 -12.56
C GLY B 349 -22.41 33.65 -11.77
N ALA B 350 -23.49 32.97 -11.38
CA ALA B 350 -24.90 33.27 -11.73
C ALA B 350 -25.17 33.16 -13.24
N LEU B 351 -26.01 32.23 -13.68
CA LEU B 351 -26.99 31.49 -12.89
C LEU B 351 -26.45 30.46 -11.87
N PRO B 352 -26.86 30.61 -10.59
CA PRO B 352 -26.79 29.44 -9.72
C PRO B 352 -27.66 28.34 -10.32
N MET B 353 -27.23 27.08 -10.22
CA MET B 353 -28.00 25.95 -10.75
C MET B 353 -28.93 25.33 -9.71
N PHE B 354 -28.71 25.68 -8.44
CA PHE B 354 -29.54 25.22 -7.34
C PHE B 354 -29.54 26.27 -6.24
N GLU B 355 -30.56 26.23 -5.39
CA GLU B 355 -30.67 27.15 -4.25
C GLU B 355 -30.67 26.41 -2.92
N LEU B 356 -30.14 27.05 -1.89
CA LEU B 356 -30.28 26.51 -0.54
C LEU B 356 -31.28 27.31 0.27
N VAL B 357 -32.11 26.60 1.02
CA VAL B 357 -33.19 27.20 1.80
C VAL B 357 -33.21 26.50 3.15
N GLU B 358 -33.60 27.20 4.20
CA GLU B 358 -33.61 26.58 5.54
C GLU B 358 -34.63 25.46 5.66
N GLN B 359 -35.87 25.71 5.23
CA GLN B 359 -36.92 24.70 5.18
C GLN B 359 -37.85 25.03 3.99
N GLN B 360 -38.73 24.10 3.63
CA GLN B 360 -39.78 24.42 2.65
C GLN B 360 -41.08 23.61 2.72
N PRO B 361 -41.01 22.27 2.57
CA PRO B 361 -42.14 21.41 2.21
C PRO B 361 -43.53 22.04 2.39
N SER B 362 -43.94 22.82 1.39
CA SER B 362 -45.21 23.55 1.40
C SER B 362 -46.39 22.60 1.58
N HIS B 363 -46.29 21.46 0.89
CA HIS B 363 -47.23 20.36 0.96
C HIS B 363 -46.62 19.15 0.25
N LEU B 364 -46.31 19.33 -1.04
CA LEU B 364 -45.76 18.30 -1.90
C LEU B 364 -45.07 18.92 -3.12
N ALA B 365 -43.83 18.50 -3.35
CA ALA B 365 -43.18 18.67 -4.64
C ALA B 365 -43.34 17.33 -5.34
N CYS B 366 -42.33 16.47 -5.20
CA CYS B 366 -42.47 15.06 -5.56
C CYS B 366 -41.78 14.13 -4.55
N PRO B 367 -40.42 14.09 -4.53
CA PRO B 367 -39.39 14.80 -5.30
C PRO B 367 -38.80 14.00 -6.48
N ASP B 368 -39.12 14.44 -7.71
CA ASP B 368 -38.52 13.87 -8.92
C ASP B 368 -38.52 14.86 -10.08
N VAL B 369 -38.62 16.14 -9.74
CA VAL B 369 -38.58 17.22 -10.70
C VAL B 369 -37.18 17.87 -10.79
N LEU B 370 -36.73 18.07 -12.03
CA LEU B 370 -35.61 18.93 -12.33
C LEU B 370 -36.09 20.09 -13.19
N ASN B 371 -35.37 21.21 -13.12
CA ASN B 371 -35.80 22.45 -13.75
C ASN B 371 -34.81 22.99 -14.81
N LEU B 372 -35.35 23.51 -15.91
CA LEU B 372 -34.65 24.40 -16.86
C LEU B 372 -35.71 25.39 -17.40
N SER B 373 -35.50 26.70 -17.48
CA SER B 373 -34.25 27.48 -17.59
C SER B 373 -33.84 27.53 -19.06
N LEU B 374 -34.82 27.87 -19.88
CA LEU B 374 -34.63 27.97 -21.31
C LEU B 374 -34.92 29.38 -21.83
N ASP B 375 -33.95 29.90 -22.59
CA ASP B 375 -34.08 31.15 -23.30
C ASP B 375 -35.06 31.01 -24.48
N SER B 376 -35.35 32.11 -25.16
CA SER B 376 -36.23 32.05 -26.33
C SER B 376 -35.51 31.38 -27.51
N SER B 377 -36.13 30.38 -28.16
CA SER B 377 -37.36 29.72 -27.71
C SER B 377 -37.00 28.47 -26.90
N ASP B 378 -35.81 27.93 -27.18
CA ASP B 378 -35.38 26.62 -26.71
C ASP B 378 -36.48 25.57 -26.80
#